data_8GQJ
#
_entry.id   8GQJ
#
_cell.length_a   173.201
_cell.length_b   173.201
_cell.length_c   139.692
_cell.angle_alpha   90.000
_cell.angle_beta   90.000
_cell.angle_gamma   120.000
#
_symmetry.space_group_name_H-M   'P 63 2 2'
#
loop_
_entity.id
_entity.type
_entity.pdbx_description
1 polymer Thiolase
2 non-polymer GLYCEROL
3 non-polymer 'TRIETHYLENE GLYCOL'
4 non-polymer 'NONAETHYLENE GLYCOL'
5 water water
#
_entity_poly.entity_id   1
_entity_poly.type   'polypeptide(L)'
_entity_poly.pdbx_seq_one_letter_code
;MGSSHHHHHHSSGLVPRGSHMQDVVIVAATRTAVGSFQGSLAGIPAPELGAAVIRRLLEQTGLDAGQVDEVILGQVLTAG
SGQNPARQAAIKAGLPVGVPAMTLNKVCGSGLKALHLGAQAIRCGDAEVIVAGGQENMSLAPYVMPGARTGLRMGHAKLV
DSMIEDGLWDAFNDYHMGITAENLAEKYGLTREEQDAFAAASQQKAIAAIEGGRFRDEITPIQVPQRKGEPLGFDTDEQP
RAGTTVEALAKLKPAFRKDGSVTAGNASSLNDGAAAVLLMSAAKAKALGLPVLARIASYASAGVDPAIMGIGPVSATRRA
LDKAGWSLEQLDLIEANEAFAAQSLAVGRELGWDAARVNVNGGAIALGHPIGASGCRVLVTLLHEMIRRDAKKGLATLCI
GGGQGVALTLARDLEHHHHHH
;
_entity_poly.pdbx_strand_id   A,B
#
loop_
_chem_comp.id
_chem_comp.type
_chem_comp.name
_chem_comp.formula
2PE non-polymer 'NONAETHYLENE GLYCOL' 'C18 H38 O10'
GOL non-polymer GLYCEROL 'C3 H8 O3'
PGE non-polymer 'TRIETHYLENE GLYCOL' 'C6 H14 O4'
#
# COMPACT_ATOMS: atom_id res chain seq x y z
N MET A 21 26.00 -6.87 0.02
CA MET A 21 24.65 -6.53 0.63
C MET A 21 24.28 -7.62 1.65
N GLN A 22 23.80 -7.22 2.83
CA GLN A 22 23.41 -8.09 3.99
C GLN A 22 22.46 -9.25 3.57
N ASP A 23 22.67 -10.45 4.14
CA ASP A 23 21.65 -11.52 4.27
C ASP A 23 20.47 -10.96 5.09
N VAL A 24 19.27 -11.31 4.66
CA VAL A 24 18.06 -10.96 5.43
C VAL A 24 17.55 -12.22 6.12
N VAL A 25 17.40 -12.13 7.44
CA VAL A 25 17.02 -13.31 8.24
C VAL A 25 15.71 -13.01 8.96
N ILE A 26 15.02 -14.09 9.28
CA ILE A 26 13.79 -14.08 10.10
C ILE A 26 14.18 -14.55 11.49
N VAL A 27 13.88 -13.78 12.53
CA VAL A 27 14.26 -14.18 13.93
C VAL A 27 13.00 -14.51 14.71
N ALA A 28 11.82 -14.20 14.15
CA ALA A 28 10.54 -14.52 14.79
C ALA A 28 9.43 -14.51 13.73
N ALA A 29 8.43 -15.34 13.94
CA ALA A 29 7.33 -15.56 12.96
C ALA A 29 6.11 -16.04 13.72
N THR A 30 4.97 -15.37 13.54
CA THR A 30 3.73 -15.74 14.25
C THR A 30 2.51 -15.24 13.47
N ARG A 31 1.36 -15.85 13.79
CA ARG A 31 0.09 -15.51 13.13
C ARG A 31 -1.01 -15.72 14.13
N THR A 32 -2.13 -15.03 13.93
CA THR A 32 -3.39 -15.38 14.63
C THR A 32 -3.85 -16.71 14.09
N ALA A 33 -4.65 -17.39 14.87
CA ALA A 33 -5.57 -18.36 14.25
C ALA A 33 -6.41 -17.61 13.22
N VAL A 34 -6.88 -18.31 12.20
CA VAL A 34 -7.72 -17.72 11.13
C VAL A 34 -9.19 -17.90 11.53
N GLY A 35 -9.89 -16.78 11.63
CA GLY A 35 -11.34 -16.75 11.91
C GLY A 35 -12.16 -16.94 10.65
N SER A 36 -13.33 -17.56 10.79
CA SER A 36 -14.29 -17.76 9.70
C SER A 36 -15.10 -16.44 9.57
N PHE A 37 -15.81 -16.30 8.49
CA PHE A 37 -16.62 -15.08 8.19
C PHE A 37 -17.70 -14.91 9.25
N GLN A 38 -17.67 -13.78 9.96
CA GLN A 38 -18.54 -13.51 11.14
C GLN A 38 -18.31 -14.56 12.24
N GLY A 39 -17.09 -15.09 12.31
CA GLY A 39 -16.67 -16.03 13.34
C GLY A 39 -15.99 -15.33 14.50
N SER A 40 -14.94 -15.94 15.08
CA SER A 40 -14.42 -15.54 16.42
C SER A 40 -13.79 -14.15 16.40
N LEU A 41 -13.28 -13.69 15.26
CA LEU A 41 -12.51 -12.42 15.18
C LEU A 41 -13.39 -11.37 14.52
N ALA A 42 -14.67 -11.66 14.30
CA ALA A 42 -15.57 -10.78 13.50
C ALA A 42 -15.71 -9.36 14.11
N GLY A 43 -15.44 -9.17 15.40
CA GLY A 43 -15.51 -7.86 16.08
C GLY A 43 -14.18 -7.15 16.22
N ILE A 44 -13.08 -7.71 15.72
CA ILE A 44 -11.71 -7.17 15.96
C ILE A 44 -11.11 -6.55 14.71
N PRO A 45 -10.99 -5.22 14.65
CA PRO A 45 -10.48 -4.55 13.48
C PRO A 45 -9.10 -5.08 13.08
N ALA A 46 -8.86 -5.13 11.76
CA ALA A 46 -7.63 -5.68 11.19
C ALA A 46 -6.40 -5.16 11.95
N PRO A 47 -6.25 -3.85 12.21
CA PRO A 47 -5.03 -3.37 12.85
C PRO A 47 -4.83 -3.89 14.29
N GLU A 48 -5.90 -4.27 14.98
CA GLU A 48 -5.76 -4.88 16.33
C GLU A 48 -5.23 -6.31 16.18
N LEU A 49 -5.56 -7.00 15.09
CA LEU A 49 -4.99 -8.34 14.79
C LEU A 49 -3.49 -8.16 14.51
N GLY A 50 -3.13 -7.17 13.71
CA GLY A 50 -1.74 -6.85 13.43
C GLY A 50 -1.03 -6.49 14.72
N ALA A 51 -1.62 -5.66 15.59
CA ALA A 51 -0.97 -5.24 16.86
C ALA A 51 -0.61 -6.50 17.66
N ALA A 52 -1.52 -7.47 17.71
CA ALA A 52 -1.35 -8.66 18.58
C ALA A 52 -0.12 -9.46 18.10
N VAL A 53 0.08 -9.59 16.78
CA VAL A 53 1.19 -10.41 16.24
C VAL A 53 2.48 -9.60 16.41
N ILE A 54 2.45 -8.28 16.27
CA ILE A 54 3.67 -7.47 16.45
C ILE A 54 4.12 -7.61 17.93
N ARG A 55 3.20 -7.46 18.88
CA ARG A 55 3.52 -7.63 20.32
C ARG A 55 4.18 -8.98 20.56
N ARG A 56 3.61 -10.04 20.01
CA ARG A 56 4.14 -11.41 20.20
C ARG A 56 5.57 -11.51 19.65
N LEU A 57 5.87 -10.97 18.47
CA LEU A 57 7.23 -11.06 17.91
C LEU A 57 8.24 -10.43 18.87
N LEU A 58 7.90 -9.28 19.47
CA LEU A 58 8.80 -8.60 20.43
C LEU A 58 8.93 -9.43 21.73
N GLU A 59 7.83 -10.00 22.21
CA GLU A 59 7.84 -10.85 23.44
C GLU A 59 8.75 -12.04 23.19
N GLN A 60 8.61 -12.72 22.06
CA GLN A 60 9.37 -13.97 21.76
C GLN A 60 10.86 -13.66 21.73
N THR A 61 11.28 -12.50 21.24
CA THR A 61 12.70 -12.19 20.99
C THR A 61 13.25 -11.35 22.15
N GLY A 62 12.40 -10.83 23.05
CA GLY A 62 12.80 -9.90 24.11
C GLY A 62 13.37 -8.62 23.52
N LEU A 63 12.97 -8.26 22.29
CA LEU A 63 13.47 -7.03 21.61
C LEU A 63 12.73 -5.81 22.15
N ASP A 64 13.43 -4.75 22.54
CA ASP A 64 12.79 -3.47 22.87
C ASP A 64 12.11 -2.93 21.59
N ALA A 65 10.93 -2.37 21.73
CA ALA A 65 10.09 -1.86 20.61
C ALA A 65 10.83 -0.75 19.84
N GLY A 66 11.72 0.00 20.52
CA GLY A 66 12.52 1.06 19.86
C GLY A 66 13.52 0.51 18.87
N GLN A 67 13.78 -0.80 18.85
CA GLN A 67 14.77 -1.34 17.92
C GLN A 67 14.13 -1.50 16.52
N VAL A 68 12.80 -1.41 16.43
CA VAL A 68 12.15 -1.65 15.11
C VAL A 68 12.37 -0.40 14.26
N ASP A 69 12.84 -0.56 13.03
CA ASP A 69 13.07 0.58 12.09
C ASP A 69 11.80 0.88 11.28
N GLU A 70 10.95 -0.11 10.98
CA GLU A 70 9.73 0.16 10.17
C GLU A 70 8.74 -0.98 10.38
N VAL A 71 7.48 -0.65 10.17
CA VAL A 71 6.41 -1.65 10.08
C VAL A 71 5.84 -1.58 8.66
N ILE A 72 5.82 -2.72 7.99
CA ILE A 72 5.26 -2.87 6.63
C ILE A 72 4.16 -3.92 6.67
N LEU A 73 2.91 -3.50 6.55
CA LEU A 73 1.78 -4.43 6.63
C LEU A 73 0.93 -4.34 5.37
N GLY A 74 0.63 -5.51 4.83
CA GLY A 74 -0.47 -5.64 3.85
C GLY A 74 -1.86 -5.53 4.50
N GLN A 75 -2.79 -4.89 3.79
CA GLN A 75 -4.22 -4.92 4.08
C GLN A 75 -4.94 -4.44 2.81
N VAL A 76 -5.87 -5.23 2.32
CA VAL A 76 -6.54 -4.90 1.05
C VAL A 76 -7.78 -4.03 1.29
N LEU A 77 -8.61 -4.43 2.24
CA LEU A 77 -9.98 -3.87 2.45
C LEU A 77 -9.87 -2.77 3.52
N THR A 78 -9.77 -1.51 3.09
CA THR A 78 -9.40 -0.37 3.99
C THR A 78 -10.50 0.69 4.05
N ALA A 79 -11.67 0.42 3.47
CA ALA A 79 -12.79 1.38 3.40
C ALA A 79 -13.23 1.74 4.83
N GLY A 80 -13.02 2.97 5.25
CA GLY A 80 -13.44 3.36 6.60
C GLY A 80 -12.55 2.81 7.71
N SER A 81 -11.36 2.28 7.37
CA SER A 81 -10.39 1.73 8.34
C SER A 81 -9.63 2.82 9.10
N GLY A 82 -9.67 4.08 8.62
CA GLY A 82 -8.90 5.20 9.19
C GLY A 82 -7.53 5.31 8.56
N GLN A 83 -6.82 6.37 8.89
CA GLN A 83 -5.51 6.66 8.28
C GLN A 83 -4.54 5.50 8.58
N ASN A 84 -3.97 4.94 7.51
CA ASN A 84 -2.76 4.09 7.56
C ASN A 84 -2.96 2.93 8.53
N PRO A 85 -3.71 1.89 8.10
CA PRO A 85 -3.88 0.71 8.97
C PRO A 85 -2.60 0.15 9.58
N ALA A 86 -1.49 0.11 8.85
CA ALA A 86 -0.19 -0.42 9.37
C ALA A 86 0.29 0.41 10.58
N ARG A 87 0.20 1.73 10.46
CA ARG A 87 0.56 2.68 11.54
C ARG A 87 -0.35 2.44 12.74
N GLN A 88 -1.64 2.18 12.52
CA GLN A 88 -2.56 1.86 13.63
C GLN A 88 -2.10 0.58 14.33
N ALA A 89 -1.71 -0.45 13.58
CA ALA A 89 -1.23 -1.73 14.22
C ALA A 89 0.05 -1.45 15.04
N ALA A 90 1.01 -0.70 14.47
CA ALA A 90 2.32 -0.37 15.09
C ALA A 90 2.11 0.36 16.42
N ILE A 91 1.28 1.39 16.43
CA ILE A 91 1.02 2.20 17.66
C ILE A 91 0.28 1.32 18.67
N LYS A 92 -0.74 0.58 18.25
CA LYS A 92 -1.55 -0.25 19.17
C LYS A 92 -0.68 -1.37 19.74
N ALA A 93 0.38 -1.80 19.06
CA ALA A 93 1.30 -2.85 19.57
C ALA A 93 2.30 -2.25 20.59
N GLY A 94 2.30 -0.94 20.79
CA GLY A 94 3.19 -0.23 21.73
C GLY A 94 4.52 0.16 21.11
N LEU A 95 4.66 0.13 19.78
CA LEU A 95 5.86 0.68 19.13
C LEU A 95 5.85 2.19 19.34
N PRO A 96 7.02 2.77 19.58
CA PRO A 96 7.10 4.21 19.76
C PRO A 96 6.70 4.98 18.48
N VAL A 97 6.27 6.21 18.67
CA VAL A 97 5.77 7.07 17.56
C VAL A 97 6.90 7.28 16.54
N GLY A 98 8.17 7.12 16.97
CA GLY A 98 9.33 7.26 16.07
C GLY A 98 9.46 6.18 15.00
N VAL A 99 8.77 5.07 15.13
CA VAL A 99 8.83 3.94 14.16
C VAL A 99 7.89 4.26 13.00
N PRO A 100 8.41 4.50 11.78
CA PRO A 100 7.51 4.68 10.65
C PRO A 100 6.79 3.40 10.19
N ALA A 101 5.64 3.56 9.51
CA ALA A 101 4.85 2.43 9.03
C ALA A 101 4.17 2.77 7.73
N MET A 102 3.94 1.76 6.93
CA MET A 102 3.24 1.90 5.65
C MET A 102 2.37 0.67 5.44
N THR A 103 1.24 0.90 4.76
CA THR A 103 0.31 -0.15 4.33
C THR A 103 0.52 -0.42 2.84
N LEU A 104 0.36 -1.65 2.37
CA LEU A 104 0.42 -1.91 0.93
C LEU A 104 -0.72 -2.82 0.54
N ASN A 105 -0.99 -2.77 -0.74
CA ASN A 105 -2.07 -3.54 -1.39
C ASN A 105 -1.50 -4.13 -2.69
N LYS A 106 -1.19 -5.42 -2.68
CA LYS A 106 -0.93 -6.26 -3.86
C LYS A 106 -1.94 -7.40 -3.78
N VAL A 107 -3.17 -7.05 -3.43
CA VAL A 107 -4.36 -7.94 -3.17
C VAL A 107 -3.88 -9.19 -2.43
N CYS A 108 -4.13 -10.36 -2.99
CA CYS A 108 -3.86 -11.66 -2.31
C CYS A 108 -2.38 -11.80 -1.93
N GLY A 109 -1.49 -11.11 -2.59
CA GLY A 109 -0.04 -11.26 -2.32
C GLY A 109 0.51 -10.27 -1.33
N SER A 110 -0.34 -9.37 -0.79
CA SER A 110 0.10 -8.21 0.03
C SER A 110 1.00 -8.66 1.18
N GLY A 111 0.58 -9.68 1.90
CA GLY A 111 1.24 -10.16 3.15
C GLY A 111 2.63 -10.75 2.89
N LEU A 112 2.88 -11.26 1.69
CA LEU A 112 4.21 -11.77 1.32
C LEU A 112 5.01 -10.62 0.71
N LYS A 113 4.40 -9.79 -0.14
CA LYS A 113 5.15 -8.69 -0.77
C LYS A 113 5.74 -7.79 0.33
N ALA A 114 5.08 -7.71 1.47
CA ALA A 114 5.53 -6.89 2.62
C ALA A 114 6.95 -7.37 3.01
N LEU A 115 7.20 -8.68 3.01
CA LEU A 115 8.56 -9.19 3.34
C LEU A 115 9.55 -8.86 2.23
N HIS A 116 9.13 -8.88 0.96
CA HIS A 116 9.98 -8.43 -0.15
C HIS A 116 10.42 -6.97 0.09
N LEU A 117 9.49 -6.06 0.39
CA LEU A 117 9.82 -4.64 0.69
C LEU A 117 10.75 -4.57 1.90
N GLY A 118 10.49 -5.35 2.94
CA GLY A 118 11.33 -5.33 4.15
C GLY A 118 12.74 -5.82 3.84
N ALA A 119 12.84 -6.87 3.01
CA ALA A 119 14.12 -7.44 2.54
C ALA A 119 14.89 -6.34 1.80
N GLN A 120 14.24 -5.64 0.85
CA GLN A 120 14.89 -4.58 0.07
C GLN A 120 15.47 -3.51 0.99
N ALA A 121 14.73 -3.07 2.00
CA ALA A 121 15.16 -1.97 2.90
C ALA A 121 16.43 -2.42 3.63
N ILE A 122 16.44 -3.65 4.10
CA ILE A 122 17.59 -4.22 4.83
C ILE A 122 18.77 -4.42 3.87
N ARG A 123 18.54 -4.96 2.70
CA ARG A 123 19.61 -5.14 1.69
C ARG A 123 20.22 -3.80 1.29
N CYS A 124 19.47 -2.70 1.26
CA CYS A 124 20.00 -1.37 0.87
C CYS A 124 20.69 -0.68 2.05
N GLY A 125 20.62 -1.21 3.28
CA GLY A 125 21.10 -0.54 4.50
C GLY A 125 20.17 0.57 4.97
N ASP A 126 18.91 0.61 4.53
CA ASP A 126 17.96 1.62 5.01
C ASP A 126 17.45 1.25 6.40
N ALA A 127 17.58 -0.01 6.80
CA ALA A 127 17.02 -0.52 8.08
C ALA A 127 17.84 -1.72 8.52
N GLU A 128 17.71 -2.04 9.81
CA GLU A 128 18.29 -3.30 10.37
C GLU A 128 17.19 -4.22 10.86
N VAL A 129 16.04 -3.67 11.27
CA VAL A 129 14.93 -4.44 11.89
C VAL A 129 13.62 -3.94 11.28
N ILE A 130 12.90 -4.84 10.64
CA ILE A 130 11.56 -4.56 10.04
C ILE A 130 10.55 -5.61 10.48
N VAL A 131 9.39 -5.14 10.91
CA VAL A 131 8.20 -6.00 11.06
C VAL A 131 7.45 -5.99 9.74
N ALA A 132 7.22 -7.16 9.18
CA ALA A 132 6.58 -7.32 7.85
C ALA A 132 5.54 -8.40 7.91
N GLY A 133 4.41 -8.14 7.24
CA GLY A 133 3.36 -9.16 7.14
C GLY A 133 2.08 -8.57 6.64
N GLY A 134 0.98 -9.10 7.12
CA GLY A 134 -0.32 -8.56 6.66
C GLY A 134 -1.43 -8.86 7.65
N GLN A 135 -2.54 -8.19 7.41
CA GLN A 135 -3.69 -8.21 8.35
C GLN A 135 -4.95 -8.02 7.52
N GLU A 136 -6.03 -8.70 7.88
CA GLU A 136 -7.32 -8.51 7.15
C GLU A 136 -8.47 -8.92 8.06
N ASN A 137 -9.53 -8.12 8.05
CA ASN A 137 -10.80 -8.54 8.64
C ASN A 137 -11.86 -8.39 7.55
N MET A 138 -12.17 -9.52 6.92
CA MET A 138 -13.19 -9.52 5.85
C MET A 138 -14.57 -9.34 6.49
N SER A 139 -14.82 -9.90 7.66
CA SER A 139 -16.10 -9.80 8.39
C SER A 139 -16.48 -8.29 8.48
N LEU A 140 -15.51 -7.41 8.71
CA LEU A 140 -15.75 -5.97 8.99
C LEU A 140 -15.68 -5.11 7.73
N ALA A 141 -15.35 -5.65 6.56
CA ALA A 141 -15.31 -4.85 5.32
C ALA A 141 -16.71 -4.28 5.10
N PRO A 142 -16.85 -2.95 4.99
CA PRO A 142 -18.21 -2.42 4.89
C PRO A 142 -18.80 -2.31 3.49
N TYR A 143 -20.06 -1.92 3.49
CA TYR A 143 -20.79 -1.48 2.30
C TYR A 143 -20.39 -0.02 2.02
N VAL A 144 -20.40 0.31 0.74
CA VAL A 144 -20.00 1.60 0.15
C VAL A 144 -21.16 2.17 -0.67
N MET A 145 -21.35 3.48 -0.64
CA MET A 145 -22.45 4.09 -1.45
C MET A 145 -21.89 5.10 -2.44
N PRO A 146 -21.38 4.63 -3.60
CA PRO A 146 -20.91 5.53 -4.63
C PRO A 146 -22.06 6.47 -5.06
N GLY A 147 -21.72 7.70 -5.38
CA GLY A 147 -22.69 8.68 -5.93
C GLY A 147 -23.46 9.44 -4.86
N ALA A 148 -23.49 8.98 -3.60
CA ALA A 148 -24.23 9.69 -2.54
C ALA A 148 -23.61 11.07 -2.30
N ARG A 149 -22.31 11.22 -2.56
CA ARG A 149 -21.61 12.48 -2.28
C ARG A 149 -22.14 13.56 -3.24
N THR A 150 -22.33 13.24 -4.51
CA THR A 150 -22.67 14.25 -5.54
C THR A 150 -24.15 14.17 -5.88
N GLY A 151 -24.84 13.09 -5.55
CA GLY A 151 -26.29 12.98 -5.78
C GLY A 151 -26.66 11.80 -6.66
N LEU A 152 -27.51 10.94 -6.15
CA LEU A 152 -28.03 9.76 -6.92
C LEU A 152 -29.11 10.17 -7.94
N ARG A 153 -29.74 11.33 -7.76
CA ARG A 153 -30.71 11.99 -8.68
C ARG A 153 -32.04 11.25 -8.66
N MET A 154 -32.10 10.06 -9.22
CA MET A 154 -33.29 9.21 -9.11
C MET A 154 -32.94 7.84 -9.64
N GLY A 155 -33.78 6.88 -9.33
CA GLY A 155 -33.53 5.50 -9.73
C GLY A 155 -32.91 4.71 -8.60
N HIS A 156 -33.21 3.42 -8.56
CA HIS A 156 -32.59 2.53 -7.54
C HIS A 156 -31.07 2.48 -7.78
N ALA A 157 -30.29 2.39 -6.75
CA ALA A 157 -28.82 2.49 -6.87
C ALA A 157 -28.17 1.28 -6.20
N LYS A 158 -26.90 1.10 -6.48
CA LYS A 158 -26.20 -0.13 -6.05
C LYS A 158 -25.43 0.20 -4.78
N LEU A 159 -25.72 -0.50 -3.71
CA LEU A 159 -24.94 -0.41 -2.48
C LEU A 159 -23.87 -1.49 -2.59
N VAL A 160 -22.63 -1.07 -2.66
CA VAL A 160 -21.46 -1.92 -3.02
C VAL A 160 -20.86 -2.62 -1.78
N ASP A 161 -20.78 -3.95 -1.88
CA ASP A 161 -20.06 -4.82 -0.94
C ASP A 161 -18.56 -4.61 -1.21
N SER A 162 -17.85 -3.84 -0.36
CA SER A 162 -16.43 -3.48 -0.64
C SER A 162 -15.55 -4.74 -0.61
N MET A 163 -15.91 -5.75 0.16
CA MET A 163 -15.17 -7.03 0.22
C MET A 163 -15.18 -7.63 -1.18
N ILE A 164 -16.32 -7.65 -1.85
CA ILE A 164 -16.43 -8.21 -3.23
C ILE A 164 -15.70 -7.28 -4.18
N GLU A 165 -16.10 -5.99 -4.20
CA GLU A 165 -15.57 -5.07 -5.21
C GLU A 165 -14.03 -4.93 -5.10
N ASP A 166 -13.51 -4.73 -3.89
CA ASP A 166 -12.09 -4.36 -3.73
C ASP A 166 -11.22 -5.62 -3.54
N GLY A 167 -11.81 -6.74 -3.13
CA GLY A 167 -11.09 -7.97 -2.76
C GLY A 167 -11.24 -9.11 -3.76
N LEU A 168 -12.44 -9.31 -4.33
CA LEU A 168 -12.78 -10.62 -4.95
C LEU A 168 -13.22 -10.49 -6.41
N TRP A 169 -13.19 -9.27 -6.97
CA TRP A 169 -13.77 -9.04 -8.30
C TRP A 169 -12.68 -8.54 -9.23
N ASP A 170 -12.62 -9.09 -10.42
CA ASP A 170 -11.60 -8.63 -11.38
C ASP A 170 -12.00 -7.26 -11.94
N ALA A 171 -11.08 -6.32 -11.92
CA ALA A 171 -11.37 -4.94 -12.32
C ALA A 171 -11.40 -4.80 -13.85
N PHE A 172 -10.92 -5.78 -14.60
CA PHE A 172 -10.73 -5.68 -16.07
C PHE A 172 -11.83 -6.45 -16.78
N ASN A 173 -12.23 -7.58 -16.22
CA ASN A 173 -13.15 -8.53 -16.92
C ASN A 173 -14.54 -8.52 -16.29
N ASP A 174 -14.71 -7.83 -15.17
CA ASP A 174 -16.02 -7.67 -14.50
C ASP A 174 -16.60 -9.03 -14.16
N TYR A 175 -15.81 -9.91 -13.52
CA TYR A 175 -16.37 -11.15 -12.92
C TYR A 175 -15.52 -11.53 -11.72
N HIS A 176 -16.00 -12.50 -10.98
CA HIS A 176 -15.44 -12.96 -9.70
C HIS A 176 -14.10 -13.70 -9.95
N MET A 177 -13.23 -13.66 -8.97
CA MET A 177 -12.05 -14.55 -8.92
C MET A 177 -12.44 -15.98 -9.29
N GLY A 178 -13.61 -16.42 -8.88
CA GLY A 178 -14.06 -17.80 -9.13
C GLY A 178 -14.20 -18.08 -10.61
N ILE A 179 -14.45 -17.07 -11.43
CA ILE A 179 -14.53 -17.29 -12.90
C ILE A 179 -13.11 -17.49 -13.43
N THR A 180 -12.10 -16.83 -12.84
CA THR A 180 -10.69 -17.08 -13.23
C THR A 180 -10.38 -18.55 -12.94
N ALA A 181 -10.90 -19.09 -11.86
CA ALA A 181 -10.72 -20.51 -11.52
C ALA A 181 -11.39 -21.40 -12.60
N GLU A 182 -12.64 -21.10 -12.97
CA GLU A 182 -13.35 -21.83 -14.06
C GLU A 182 -12.49 -21.77 -15.32
N ASN A 183 -11.91 -20.61 -15.62
CA ASN A 183 -11.09 -20.45 -16.85
C ASN A 183 -9.91 -21.43 -16.79
N LEU A 184 -9.28 -21.58 -15.62
CA LEU A 184 -8.16 -22.54 -15.46
C LEU A 184 -8.68 -23.97 -15.51
N ALA A 185 -9.82 -24.28 -14.89
CA ALA A 185 -10.37 -25.67 -14.96
C ALA A 185 -10.60 -26.04 -16.45
N GLU A 186 -11.14 -25.13 -17.26
CA GLU A 186 -11.44 -25.40 -18.69
C GLU A 186 -10.10 -25.57 -19.41
N LYS A 187 -9.16 -24.67 -19.20
CA LYS A 187 -7.90 -24.66 -19.96
C LYS A 187 -7.09 -25.95 -19.65
N TYR A 188 -7.04 -26.41 -18.40
CA TYR A 188 -6.20 -27.59 -18.03
C TYR A 188 -7.02 -28.89 -18.02
N GLY A 189 -8.30 -28.82 -18.37
CA GLY A 189 -9.23 -29.96 -18.30
C GLY A 189 -9.29 -30.57 -16.92
N LEU A 190 -9.42 -29.74 -15.87
CA LEU A 190 -9.46 -30.22 -14.48
C LEU A 190 -10.90 -30.54 -14.14
N THR A 191 -11.18 -31.79 -13.80
CA THR A 191 -12.55 -32.24 -13.54
C THR A 191 -13.02 -31.77 -12.16
N ARG A 192 -14.33 -31.67 -12.00
CA ARG A 192 -14.99 -31.50 -10.70
C ARG A 192 -14.40 -32.51 -9.72
N GLU A 193 -14.25 -33.77 -10.15
CA GLU A 193 -13.80 -34.86 -9.23
C GLU A 193 -12.37 -34.56 -8.75
N GLU A 194 -11.48 -34.12 -9.62
CA GLU A 194 -10.08 -33.87 -9.23
C GLU A 194 -10.04 -32.66 -8.27
N GLN A 195 -10.82 -31.62 -8.56
CA GLN A 195 -10.92 -30.42 -7.67
C GLN A 195 -11.44 -30.81 -6.28
N ASP A 196 -12.48 -31.64 -6.22
CA ASP A 196 -13.07 -32.05 -4.93
C ASP A 196 -12.08 -32.94 -4.16
N ALA A 197 -11.36 -33.83 -4.84
CA ALA A 197 -10.32 -34.67 -4.21
C ALA A 197 -9.26 -33.76 -3.53
N PHE A 198 -8.77 -32.75 -4.25
CA PHE A 198 -7.77 -31.78 -3.73
C PHE A 198 -8.32 -31.08 -2.49
N ALA A 199 -9.58 -30.59 -2.56
CA ALA A 199 -10.27 -29.91 -1.44
C ALA A 199 -10.43 -30.83 -0.23
N ALA A 200 -10.91 -32.06 -0.41
CA ALA A 200 -11.04 -33.05 0.69
C ALA A 200 -9.69 -33.27 1.40
N ALA A 201 -8.60 -33.39 0.63
CA ALA A 201 -7.25 -33.64 1.17
C ALA A 201 -6.81 -32.40 1.96
N SER A 202 -7.09 -31.21 1.45
CA SER A 202 -6.74 -29.96 2.18
C SER A 202 -7.44 -29.98 3.52
N GLN A 203 -8.75 -30.27 3.56
CA GLN A 203 -9.51 -30.33 4.81
C GLN A 203 -8.90 -31.39 5.77
N GLN A 204 -8.65 -32.59 5.26
CA GLN A 204 -8.22 -33.75 6.09
C GLN A 204 -6.88 -33.40 6.72
N LYS A 205 -5.98 -32.82 5.93
CA LYS A 205 -4.61 -32.46 6.37
C LYS A 205 -4.67 -31.34 7.40
N ALA A 206 -5.48 -30.31 7.16
CA ALA A 206 -5.59 -29.21 8.15
C ALA A 206 -6.16 -29.73 9.48
N ILE A 207 -7.19 -30.54 9.45
CA ILE A 207 -7.83 -31.04 10.70
C ILE A 207 -6.79 -31.87 11.46
N ALA A 208 -6.03 -32.69 10.74
CA ALA A 208 -5.02 -33.57 11.39
C ALA A 208 -3.96 -32.69 12.05
N ALA A 209 -3.55 -31.60 11.39
CA ALA A 209 -2.50 -30.68 11.90
C ALA A 209 -3.02 -29.98 13.15
N ILE A 210 -4.27 -29.50 13.11
CA ILE A 210 -4.83 -28.77 14.27
C ILE A 210 -4.85 -29.73 15.46
N GLU A 211 -5.45 -30.90 15.29
CA GLU A 211 -5.67 -31.87 16.39
C GLU A 211 -4.32 -32.35 16.93
N GLY A 212 -3.32 -32.37 16.07
CA GLY A 212 -1.96 -32.81 16.42
C GLY A 212 -1.17 -31.74 17.12
N GLY A 213 -1.72 -30.52 17.24
CA GLY A 213 -0.99 -29.39 17.86
C GLY A 213 0.07 -28.81 16.96
N ARG A 214 0.00 -29.10 15.67
CA ARG A 214 1.03 -28.67 14.70
C ARG A 214 1.09 -27.15 14.59
N PHE A 215 -0.01 -26.42 14.88
CA PHE A 215 0.00 -24.94 14.72
C PHE A 215 0.20 -24.23 16.05
N ARG A 216 0.39 -24.97 17.14
CA ARG A 216 0.52 -24.30 18.47
C ARG A 216 1.69 -23.32 18.45
N ASP A 217 2.84 -23.68 17.91
CA ASP A 217 4.06 -22.85 18.05
C ASP A 217 3.91 -21.56 17.24
N GLU A 218 3.14 -21.59 16.16
CA GLU A 218 3.07 -20.44 15.21
C GLU A 218 1.92 -19.49 15.54
N ILE A 219 1.02 -19.85 16.45
CA ILE A 219 -0.23 -19.06 16.70
C ILE A 219 -0.08 -18.19 17.94
N THR A 220 -0.42 -16.91 17.79
CA THR A 220 -0.64 -15.94 18.89
C THR A 220 -2.13 -15.96 19.21
N PRO A 221 -2.54 -16.27 20.44
CA PRO A 221 -3.95 -16.21 20.81
C PRO A 221 -4.43 -14.76 20.80
N ILE A 222 -5.70 -14.56 20.44
CA ILE A 222 -6.41 -13.26 20.57
C ILE A 222 -7.40 -13.38 21.74
N GLN A 223 -7.36 -12.45 22.68
CA GLN A 223 -8.36 -12.35 23.77
C GLN A 223 -9.59 -11.67 23.19
N VAL A 224 -10.65 -12.41 22.93
CA VAL A 224 -11.85 -11.84 22.27
C VAL A 224 -12.79 -11.26 23.34
N PRO A 225 -13.00 -9.92 23.39
CA PRO A 225 -14.03 -9.33 24.27
C PRO A 225 -15.36 -10.07 24.09
N GLN A 226 -16.06 -10.35 25.18
CA GLN A 226 -17.40 -11.01 25.14
C GLN A 226 -18.47 -10.00 25.57
N ARG A 227 -19.69 -10.09 25.03
CA ARG A 227 -20.82 -9.22 25.47
C ARG A 227 -20.87 -9.25 27.00
N LYS A 228 -20.92 -10.45 27.62
CA LYS A 228 -20.80 -10.66 29.09
C LYS A 228 -19.63 -11.62 29.39
N GLY A 229 -18.85 -11.33 30.44
CA GLY A 229 -17.79 -12.22 30.94
C GLY A 229 -16.40 -11.67 30.65
N GLU A 230 -15.36 -12.35 31.14
CA GLU A 230 -13.92 -12.05 30.83
C GLU A 230 -13.68 -12.44 29.37
N PRO A 231 -12.71 -11.83 28.64
CA PRO A 231 -12.44 -12.24 27.25
C PRO A 231 -12.20 -13.75 27.10
N LEU A 232 -12.53 -14.31 25.93
CA LEU A 232 -12.24 -15.73 25.58
C LEU A 232 -11.06 -15.75 24.62
N GLY A 233 -10.09 -16.63 24.86
CA GLY A 233 -8.90 -16.81 24.02
C GLY A 233 -9.29 -17.54 22.73
N PHE A 234 -8.93 -17.01 21.57
CA PHE A 234 -9.13 -17.65 20.27
C PHE A 234 -7.75 -18.05 19.80
N ASP A 235 -7.47 -19.36 19.70
CA ASP A 235 -6.11 -19.84 19.33
C ASP A 235 -6.20 -21.07 18.43
N THR A 236 -7.39 -21.42 17.92
CA THR A 236 -7.54 -22.61 17.08
C THR A 236 -8.23 -22.24 15.78
N ASP A 237 -7.55 -22.53 14.66
CA ASP A 237 -8.06 -22.24 13.31
C ASP A 237 -9.50 -22.80 13.21
N GLU A 238 -10.49 -22.01 12.77
CA GLU A 238 -11.91 -22.45 12.84
C GLU A 238 -12.54 -22.65 11.46
N GLN A 239 -11.84 -22.40 10.36
CA GLN A 239 -12.39 -22.59 9.01
C GLN A 239 -12.51 -24.08 8.66
N PRO A 240 -11.57 -24.99 9.03
CA PRO A 240 -11.65 -26.37 8.53
C PRO A 240 -12.96 -27.08 8.93
N ARG A 241 -13.49 -27.89 7.99
CA ARG A 241 -14.82 -28.56 8.05
C ARG A 241 -14.51 -30.05 8.31
N ALA A 242 -14.68 -30.49 9.54
CA ALA A 242 -14.48 -31.90 9.98
C ALA A 242 -15.36 -32.84 9.11
N GLY A 243 -14.91 -34.08 8.90
CA GLY A 243 -15.67 -35.10 8.15
C GLY A 243 -16.04 -34.62 6.75
N THR A 244 -15.20 -33.82 6.08
CA THR A 244 -15.37 -33.52 4.64
C THR A 244 -15.06 -34.80 3.87
N THR A 245 -15.85 -35.13 2.87
CA THR A 245 -15.62 -36.28 2.00
C THR A 245 -15.87 -35.84 0.56
N VAL A 246 -15.25 -36.53 -0.40
CA VAL A 246 -15.52 -36.27 -1.84
C VAL A 246 -17.02 -36.50 -2.11
N GLU A 247 -17.69 -37.41 -1.39
CA GLU A 247 -19.11 -37.77 -1.72
C GLU A 247 -19.97 -36.56 -1.37
N ALA A 248 -19.66 -35.91 -0.24
CA ALA A 248 -20.36 -34.69 0.24
C ALA A 248 -20.01 -33.52 -0.69
N LEU A 249 -18.74 -33.35 -1.06
CA LEU A 249 -18.34 -32.24 -1.99
C LEU A 249 -19.03 -32.43 -3.34
N ALA A 250 -19.24 -33.67 -3.77
CA ALA A 250 -19.86 -33.97 -5.09
C ALA A 250 -21.28 -33.39 -5.18
N LYS A 251 -21.96 -33.17 -4.09
CA LYS A 251 -23.37 -32.72 -4.09
C LYS A 251 -23.53 -31.20 -4.19
N LEU A 252 -22.46 -30.42 -4.05
CA LEU A 252 -22.61 -28.95 -3.92
C LEU A 252 -22.93 -28.38 -5.31
N LYS A 253 -23.62 -27.25 -5.35
CA LYS A 253 -23.92 -26.53 -6.61
C LYS A 253 -22.71 -25.71 -7.00
N PRO A 254 -22.47 -25.51 -8.31
CA PRO A 254 -21.44 -24.59 -8.77
C PRO A 254 -21.72 -23.20 -8.17
N ALA A 255 -20.66 -22.49 -7.77
CA ALA A 255 -20.82 -21.24 -7.00
C ALA A 255 -20.77 -20.04 -7.96
N PHE A 256 -20.19 -20.16 -9.14
CA PHE A 256 -19.89 -18.97 -9.98
C PHE A 256 -20.50 -19.01 -11.38
N ARG A 257 -20.77 -20.20 -11.93
CA ARG A 257 -21.30 -20.34 -13.31
C ARG A 257 -22.24 -21.57 -13.35
N LYS A 258 -23.38 -21.44 -14.02
CA LYS A 258 -24.42 -22.50 -14.18
C LYS A 258 -23.79 -23.91 -14.28
N ASP A 259 -22.95 -24.18 -15.28
CA ASP A 259 -22.53 -25.61 -15.44
C ASP A 259 -21.05 -25.75 -15.00
N GLY A 260 -20.65 -24.96 -14.02
CA GLY A 260 -19.23 -24.86 -13.62
C GLY A 260 -18.81 -26.04 -12.75
N SER A 261 -17.51 -26.12 -12.48
CA SER A 261 -16.93 -27.14 -11.58
C SER A 261 -16.52 -26.51 -10.25
N VAL A 262 -16.44 -25.17 -10.16
CA VAL A 262 -15.98 -24.51 -8.91
C VAL A 262 -17.16 -24.30 -7.98
N THR A 263 -17.02 -24.75 -6.72
CA THR A 263 -18.04 -24.68 -5.68
C THR A 263 -17.49 -23.96 -4.44
N ALA A 264 -18.36 -23.73 -3.47
CA ALA A 264 -17.99 -23.21 -2.14
C ALA A 264 -17.06 -24.23 -1.45
N GLY A 265 -17.19 -25.53 -1.77
CA GLY A 265 -16.39 -26.54 -1.07
C GLY A 265 -15.00 -26.75 -1.66
N ASN A 266 -14.77 -26.35 -2.91
CA ASN A 266 -13.43 -26.50 -3.54
C ASN A 266 -12.80 -25.13 -3.84
N ALA A 267 -13.36 -24.06 -3.25
CA ALA A 267 -12.83 -22.67 -3.28
C ALA A 267 -12.40 -22.31 -1.87
N SER A 268 -11.44 -21.40 -1.73
CA SER A 268 -11.15 -20.75 -0.42
C SER A 268 -12.40 -20.01 0.07
N SER A 269 -12.37 -19.67 1.34
CA SER A 269 -13.43 -19.00 2.07
C SER A 269 -13.04 -17.53 2.34
N LEU A 270 -13.93 -16.87 3.05
CA LEU A 270 -13.80 -15.48 3.52
C LEU A 270 -13.35 -15.53 4.98
N ASN A 271 -12.35 -14.74 5.36
CA ASN A 271 -11.71 -14.95 6.66
C ASN A 271 -11.07 -13.70 7.25
N ASP A 272 -10.71 -13.81 8.53
CA ASP A 272 -10.10 -12.75 9.34
C ASP A 272 -8.80 -13.28 9.96
N GLY A 273 -7.74 -12.49 9.90
CA GLY A 273 -6.50 -12.88 10.60
C GLY A 273 -5.36 -11.96 10.31
N ALA A 274 -4.23 -12.18 10.97
CA ALA A 274 -2.99 -11.41 10.73
C ALA A 274 -1.80 -12.34 10.92
N ALA A 275 -0.70 -11.98 10.31
CA ALA A 275 0.55 -12.76 10.37
C ALA A 275 1.70 -11.79 10.16
N ALA A 276 2.79 -11.96 10.89
CA ALA A 276 3.96 -11.09 10.70
C ALA A 276 5.24 -11.84 11.10
N VAL A 277 6.31 -11.35 10.53
CA VAL A 277 7.69 -11.80 10.86
C VAL A 277 8.52 -10.60 11.28
N LEU A 278 9.57 -10.92 12.04
CA LEU A 278 10.60 -9.93 12.42
C LEU A 278 11.84 -10.21 11.56
N LEU A 279 12.09 -9.35 10.62
CA LEU A 279 13.25 -9.41 9.69
C LEU A 279 14.39 -8.60 10.28
N MET A 280 15.61 -9.12 10.12
CA MET A 280 16.84 -8.35 10.49
C MET A 280 17.91 -8.62 9.45
N SER A 281 18.89 -7.72 9.42
CA SER A 281 20.18 -8.05 8.81
C SER A 281 20.77 -9.23 9.61
N ALA A 282 21.59 -10.07 8.97
CA ALA A 282 22.35 -11.15 9.65
C ALA A 282 23.19 -10.51 10.77
N ALA A 283 23.75 -9.33 10.51
CA ALA A 283 24.67 -8.63 11.42
C ALA A 283 23.91 -8.22 12.68
N LYS A 284 22.69 -7.68 12.51
CA LYS A 284 21.89 -7.17 13.65
C LYS A 284 21.43 -8.35 14.50
N ALA A 285 20.98 -9.43 13.87
CA ALA A 285 20.55 -10.64 14.61
C ALA A 285 21.75 -11.12 15.46
N LYS A 286 22.93 -11.13 14.86
CA LYS A 286 24.15 -11.62 15.58
C LYS A 286 24.42 -10.69 16.77
N ALA A 287 24.36 -9.39 16.56
CA ALA A 287 24.69 -8.38 17.59
C ALA A 287 23.70 -8.48 18.73
N LEU A 288 22.46 -8.89 18.47
CA LEU A 288 21.43 -9.04 19.52
C LEU A 288 21.51 -10.43 20.16
N GLY A 289 22.24 -11.37 19.58
CA GLY A 289 22.28 -12.74 20.10
C GLY A 289 21.01 -13.51 19.80
N LEU A 290 20.31 -13.17 18.71
CA LEU A 290 19.05 -13.87 18.34
C LEU A 290 19.36 -14.96 17.34
N PRO A 291 18.89 -16.19 17.61
CA PRO A 291 19.00 -17.27 16.64
C PRO A 291 18.22 -16.94 15.35
N VAL A 292 18.77 -17.37 14.22
CA VAL A 292 18.19 -17.22 12.86
C VAL A 292 17.23 -18.39 12.66
N LEU A 293 15.94 -18.13 12.39
CA LEU A 293 14.98 -19.21 12.07
C LEU A 293 15.19 -19.62 10.62
N ALA A 294 15.37 -18.67 9.74
CA ALA A 294 15.62 -18.92 8.31
C ALA A 294 16.20 -17.66 7.67
N ARG A 295 16.84 -17.85 6.55
CA ARG A 295 17.30 -16.75 5.68
C ARG A 295 16.34 -16.62 4.50
N ILE A 296 16.02 -15.39 4.09
CA ILE A 296 15.29 -15.22 2.81
C ILE A 296 16.30 -15.30 1.66
N ALA A 297 16.24 -16.34 0.87
CA ALA A 297 17.26 -16.56 -0.18
C ALA A 297 16.88 -15.76 -1.45
N SER A 298 15.59 -15.53 -1.71
CA SER A 298 15.15 -14.76 -2.88
C SER A 298 13.67 -14.40 -2.77
N TYR A 299 13.21 -13.56 -3.67
CA TYR A 299 11.77 -13.21 -3.74
C TYR A 299 11.56 -12.65 -5.13
N ALA A 300 10.33 -12.74 -5.63
CA ALA A 300 9.98 -12.23 -6.98
C ALA A 300 8.49 -11.99 -7.09
N SER A 301 8.12 -11.12 -8.02
CA SER A 301 6.75 -10.85 -8.50
C SER A 301 6.68 -11.24 -9.97
N ALA A 302 5.48 -11.54 -10.45
CA ALA A 302 5.22 -11.77 -11.87
C ALA A 302 3.81 -11.25 -12.22
N GLY A 303 3.61 -10.97 -13.50
CA GLY A 303 2.33 -10.56 -14.05
C GLY A 303 1.85 -11.55 -15.09
N VAL A 304 0.58 -11.89 -15.06
CA VAL A 304 -0.08 -12.73 -16.07
C VAL A 304 -1.43 -12.10 -16.47
N ASP A 305 -2.10 -12.73 -17.45
CA ASP A 305 -3.46 -12.36 -17.86
C ASP A 305 -4.37 -12.42 -16.65
N PRO A 306 -5.08 -11.32 -16.35
CA PRO A 306 -6.07 -11.32 -15.25
C PRO A 306 -7.10 -12.46 -15.30
N ALA A 307 -7.47 -12.89 -16.51
CA ALA A 307 -8.48 -13.93 -16.77
C ALA A 307 -8.03 -15.26 -16.18
N ILE A 308 -6.71 -15.48 -16.08
CA ILE A 308 -6.15 -16.73 -15.50
C ILE A 308 -5.17 -16.36 -14.38
N MET A 309 -5.59 -15.45 -13.53
CA MET A 309 -4.68 -14.93 -12.48
C MET A 309 -4.12 -16.07 -11.61
N GLY A 310 -4.86 -17.16 -11.44
CA GLY A 310 -4.45 -18.31 -10.60
C GLY A 310 -3.13 -18.94 -11.01
N ILE A 311 -2.63 -18.67 -12.22
CA ILE A 311 -1.38 -19.25 -12.78
C ILE A 311 -0.17 -18.37 -12.44
N GLY A 312 -0.39 -17.18 -11.81
CA GLY A 312 0.68 -16.25 -11.41
C GLY A 312 1.85 -16.94 -10.70
N PRO A 313 1.60 -17.91 -9.79
CA PRO A 313 2.69 -18.59 -9.07
C PRO A 313 3.75 -19.28 -9.95
N VAL A 314 3.38 -19.65 -11.18
CA VAL A 314 4.32 -20.41 -12.05
C VAL A 314 5.53 -19.53 -12.36
N SER A 315 5.36 -18.37 -13.00
CA SER A 315 6.49 -17.48 -13.35
C SER A 315 7.07 -16.86 -12.07
N ALA A 316 6.27 -16.53 -11.05
CA ALA A 316 6.84 -15.95 -9.79
C ALA A 316 7.83 -16.97 -9.17
N THR A 317 7.42 -18.24 -9.13
CA THR A 317 8.22 -19.35 -8.55
C THR A 317 9.50 -19.48 -9.39
N ARG A 318 9.38 -19.49 -10.72
CA ARG A 318 10.54 -19.71 -11.63
C ARG A 318 11.52 -18.56 -11.44
N ARG A 319 11.02 -17.32 -11.32
CA ARG A 319 11.91 -16.17 -11.11
C ARG A 319 12.59 -16.31 -9.73
N ALA A 320 11.86 -16.64 -8.68
CA ALA A 320 12.46 -16.70 -7.33
C ALA A 320 13.55 -17.81 -7.29
N LEU A 321 13.28 -18.95 -7.89
CA LEU A 321 14.26 -20.07 -7.98
C LEU A 321 15.49 -19.58 -8.75
N ASP A 322 15.31 -18.93 -9.89
CA ASP A 322 16.44 -18.39 -10.68
C ASP A 322 17.26 -17.43 -9.81
N LYS A 323 16.61 -16.51 -9.11
CA LYS A 323 17.34 -15.54 -8.25
C LYS A 323 18.09 -16.28 -7.14
N ALA A 324 17.58 -17.39 -6.59
CA ALA A 324 18.26 -18.12 -5.48
C ALA A 324 19.37 -19.04 -6.06
N GLY A 325 19.33 -19.33 -7.36
CA GLY A 325 20.22 -20.34 -7.98
C GLY A 325 19.75 -21.74 -7.65
N TRP A 326 18.44 -21.96 -7.45
CA TRP A 326 17.89 -23.28 -7.08
C TRP A 326 17.04 -23.83 -8.21
N SER A 327 16.92 -25.14 -8.28
CA SER A 327 15.99 -25.83 -9.19
C SER A 327 14.75 -26.18 -8.36
N LEU A 328 13.63 -26.48 -9.02
CA LEU A 328 12.39 -26.86 -8.31
C LEU A 328 12.64 -28.13 -7.51
N GLU A 329 13.45 -29.06 -8.04
CA GLU A 329 13.69 -30.38 -7.42
C GLU A 329 14.41 -30.20 -6.08
N GLN A 330 15.10 -29.07 -5.84
CA GLN A 330 15.85 -28.83 -4.58
C GLN A 330 14.91 -28.40 -3.45
N LEU A 331 13.68 -27.97 -3.73
CA LEU A 331 12.77 -27.55 -2.64
C LEU A 331 12.35 -28.76 -1.80
N ASP A 332 12.48 -28.65 -0.49
CA ASP A 332 12.02 -29.69 0.46
C ASP A 332 10.53 -29.49 0.71
N LEU A 333 10.05 -28.24 0.69
CA LEU A 333 8.71 -27.93 1.24
C LEU A 333 8.16 -26.67 0.54
N ILE A 334 6.89 -26.72 0.22
CA ILE A 334 6.22 -25.65 -0.58
C ILE A 334 4.90 -25.31 0.12
N GLU A 335 4.63 -24.01 0.24
CA GLU A 335 3.29 -23.48 0.59
C GLU A 335 2.82 -22.67 -0.62
N ALA A 336 1.80 -23.16 -1.33
CA ALA A 336 1.22 -22.54 -2.53
C ALA A 336 -0.24 -22.23 -2.17
N ASN A 337 -0.56 -20.95 -2.00
CA ASN A 337 -1.86 -20.56 -1.41
C ASN A 337 -3.01 -21.12 -2.26
N GLU A 338 -3.98 -21.76 -1.61
CA GLU A 338 -5.10 -22.42 -2.32
C GLU A 338 -6.27 -21.42 -2.48
N ALA A 339 -6.21 -20.55 -3.48
CA ALA A 339 -7.34 -19.65 -3.83
C ALA A 339 -8.55 -20.53 -4.25
N PHE A 340 -8.28 -21.53 -5.10
CA PHE A 340 -9.29 -22.49 -5.60
C PHE A 340 -8.59 -23.81 -5.90
N ALA A 341 -9.22 -24.94 -5.71
CA ALA A 341 -8.60 -26.23 -6.11
C ALA A 341 -8.16 -26.18 -7.59
N ALA A 342 -9.00 -25.64 -8.46
CA ALA A 342 -8.68 -25.60 -9.90
C ALA A 342 -7.38 -24.82 -10.11
N GLN A 343 -7.24 -23.70 -9.40
CA GLN A 343 -6.06 -22.81 -9.52
C GLN A 343 -4.82 -23.57 -9.03
N SER A 344 -4.90 -24.18 -7.85
CA SER A 344 -3.78 -24.96 -7.23
C SER A 344 -3.41 -26.12 -8.15
N LEU A 345 -4.38 -26.84 -8.69
CA LEU A 345 -4.07 -27.96 -9.61
C LEU A 345 -3.35 -27.46 -10.87
N ALA A 346 -3.80 -26.35 -11.46
CA ALA A 346 -3.20 -25.81 -12.67
C ALA A 346 -1.72 -25.49 -12.40
N VAL A 347 -1.44 -24.85 -11.27
CA VAL A 347 -0.04 -24.44 -10.99
C VAL A 347 0.83 -25.73 -10.90
N GLY A 348 0.34 -26.73 -10.17
CA GLY A 348 1.01 -28.03 -9.99
C GLY A 348 1.26 -28.70 -11.34
N ARG A 349 0.31 -28.62 -12.27
CA ARG A 349 0.47 -29.23 -13.62
C ARG A 349 1.57 -28.53 -14.39
N GLU A 350 1.63 -27.20 -14.36
CA GLU A 350 2.64 -26.44 -15.11
C GLU A 350 4.04 -26.63 -14.53
N LEU A 351 4.19 -26.53 -13.21
CA LEU A 351 5.52 -26.61 -12.56
C LEU A 351 5.99 -28.07 -12.44
N GLY A 352 5.07 -29.02 -12.33
CA GLY A 352 5.38 -30.46 -12.20
C GLY A 352 6.00 -30.77 -10.85
N TRP A 353 5.60 -30.07 -9.79
CA TRP A 353 6.24 -30.31 -8.47
C TRP A 353 5.65 -31.57 -7.84
N ASP A 354 6.29 -32.03 -6.78
CA ASP A 354 5.78 -33.19 -6.00
C ASP A 354 4.72 -32.69 -5.04
N ALA A 355 3.47 -33.03 -5.29
CA ALA A 355 2.33 -32.59 -4.45
C ALA A 355 2.50 -33.02 -2.99
N ALA A 356 3.26 -34.07 -2.72
CA ALA A 356 3.45 -34.58 -1.35
C ALA A 356 4.21 -33.55 -0.52
N ARG A 357 4.94 -32.64 -1.15
CA ARG A 357 5.76 -31.59 -0.47
C ARG A 357 4.97 -30.25 -0.43
N VAL A 358 3.74 -30.21 -0.97
CA VAL A 358 2.93 -28.95 -1.07
C VAL A 358 1.81 -28.93 -0.04
N ASN A 359 1.73 -27.83 0.73
CA ASN A 359 0.64 -27.62 1.71
C ASN A 359 0.43 -28.86 2.57
N VAL A 360 1.48 -29.29 3.26
CA VAL A 360 1.47 -30.62 3.91
C VAL A 360 0.57 -30.61 5.14
N ASN A 361 0.25 -29.43 5.68
CA ASN A 361 -0.68 -29.26 6.83
C ASN A 361 -2.02 -28.65 6.37
N GLY A 362 -2.35 -28.76 5.10
CA GLY A 362 -3.58 -28.17 4.54
C GLY A 362 -3.30 -26.76 4.01
N GLY A 363 -4.21 -26.23 3.24
CA GLY A 363 -4.12 -24.86 2.70
C GLY A 363 -5.45 -24.13 2.85
N ALA A 364 -5.57 -23.04 2.10
CA ALA A 364 -6.61 -22.01 2.27
C ALA A 364 -8.01 -22.59 2.04
N ILE A 365 -8.18 -23.65 1.25
CA ILE A 365 -9.56 -24.24 1.11
C ILE A 365 -10.06 -24.59 2.50
N ALA A 366 -9.19 -25.22 3.31
CA ALA A 366 -9.50 -25.62 4.68
C ALA A 366 -9.30 -24.45 5.64
N LEU A 367 -8.18 -23.71 5.58
CA LEU A 367 -7.72 -22.82 6.66
C LEU A 367 -8.22 -21.39 6.47
N GLY A 368 -8.59 -21.02 5.25
CA GLY A 368 -9.15 -19.68 4.98
C GLY A 368 -8.19 -18.79 4.22
N HIS A 369 -8.72 -17.74 3.61
CA HIS A 369 -7.93 -16.79 2.79
C HIS A 369 -8.23 -15.35 3.26
N PRO A 370 -7.69 -14.94 4.43
CA PRO A 370 -7.79 -13.56 4.92
C PRO A 370 -6.86 -12.68 4.06
N ILE A 371 -7.43 -12.18 2.94
CA ILE A 371 -6.69 -11.76 1.72
C ILE A 371 -5.31 -11.16 2.06
N GLY A 372 -5.29 -9.96 2.68
CA GLY A 372 -4.04 -9.22 2.88
C GLY A 372 -3.08 -9.88 3.88
N ALA A 373 -3.54 -10.83 4.67
CA ALA A 373 -2.66 -11.58 5.60
C ALA A 373 -2.15 -12.90 5.01
N SER A 374 -2.88 -13.50 4.07
CA SER A 374 -2.57 -14.86 3.56
C SER A 374 -1.11 -15.01 3.16
N GLY A 375 -0.52 -14.00 2.55
CA GLY A 375 0.86 -14.10 2.06
C GLY A 375 1.83 -14.38 3.20
N CYS A 376 1.64 -13.70 4.31
CA CYS A 376 2.48 -13.98 5.49
C CYS A 376 1.94 -15.20 6.24
N ARG A 377 0.65 -15.50 6.21
CA ARG A 377 0.09 -16.65 6.93
C ARG A 377 0.77 -17.92 6.41
N VAL A 378 0.85 -18.06 5.10
CA VAL A 378 1.43 -19.30 4.49
C VAL A 378 2.96 -19.34 4.76
N LEU A 379 3.61 -18.19 4.86
CA LEU A 379 5.07 -18.10 5.09
C LEU A 379 5.36 -18.57 6.51
N VAL A 380 4.55 -18.13 7.47
CA VAL A 380 4.66 -18.55 8.87
C VAL A 380 4.48 -20.07 8.98
N THR A 381 3.46 -20.61 8.31
CA THR A 381 3.18 -22.07 8.31
C THR A 381 4.35 -22.83 7.63
N LEU A 382 4.86 -22.34 6.48
CA LEU A 382 6.07 -22.91 5.81
C LEU A 382 7.22 -22.98 6.82
N LEU A 383 7.55 -21.88 7.48
CA LEU A 383 8.75 -21.78 8.31
C LEU A 383 8.66 -22.76 9.48
N HIS A 384 7.51 -22.88 10.16
CA HIS A 384 7.39 -23.75 11.35
C HIS A 384 7.50 -25.21 10.94
N GLU A 385 6.95 -25.58 9.79
CA GLU A 385 7.04 -26.96 9.26
C GLU A 385 8.49 -27.27 8.81
N MET A 386 9.18 -26.33 8.18
CA MET A 386 10.59 -26.49 7.77
C MET A 386 11.44 -26.84 9.01
N ILE A 387 11.20 -26.16 10.12
CA ILE A 387 11.95 -26.43 11.37
C ILE A 387 11.67 -27.84 11.86
N ARG A 388 10.42 -28.27 11.94
CA ARG A 388 10.07 -29.63 12.46
C ARG A 388 10.64 -30.73 11.56
N ARG A 389 10.68 -30.51 10.24
CA ARG A 389 11.18 -31.48 9.25
C ARG A 389 12.69 -31.39 9.09
N ASP A 390 13.33 -30.36 9.64
CA ASP A 390 14.72 -30.00 9.31
C ASP A 390 14.84 -29.82 7.80
N ALA A 391 13.86 -29.21 7.14
CA ALA A 391 13.94 -28.82 5.71
C ALA A 391 14.97 -27.70 5.55
N LYS A 392 15.76 -27.74 4.47
CA LYS A 392 16.81 -26.74 4.20
C LYS A 392 16.31 -25.64 3.23
N LYS A 393 15.39 -26.01 2.32
CA LYS A 393 14.95 -25.11 1.22
C LYS A 393 13.43 -25.13 1.12
N GLY A 394 12.82 -23.96 1.19
CA GLY A 394 11.35 -23.81 1.22
C GLY A 394 10.88 -22.71 0.28
N LEU A 395 9.66 -22.85 -0.21
CA LEU A 395 9.03 -21.84 -1.09
C LEU A 395 7.64 -21.50 -0.60
N ALA A 396 7.30 -20.21 -0.62
CA ALA A 396 5.92 -19.70 -0.41
C ALA A 396 5.53 -18.95 -1.67
N THR A 397 4.34 -19.23 -2.21
CA THR A 397 3.92 -18.57 -3.46
C THR A 397 2.39 -18.38 -3.46
N LEU A 398 1.94 -17.28 -4.08
CA LEU A 398 0.51 -16.93 -4.08
C LEU A 398 0.14 -16.41 -5.45
N CYS A 399 -1.06 -16.75 -5.87
CA CYS A 399 -1.68 -16.05 -7.00
C CYS A 399 -2.34 -14.79 -6.46
N ILE A 400 -2.57 -13.87 -7.35
CA ILE A 400 -3.04 -12.49 -7.02
C ILE A 400 -4.11 -12.07 -8.03
N GLY A 401 -5.24 -11.65 -7.51
CA GLY A 401 -6.32 -11.04 -8.30
C GLY A 401 -5.81 -9.90 -9.09
N GLY A 402 -6.17 -9.85 -10.36
CA GLY A 402 -5.64 -8.84 -11.29
C GLY A 402 -4.52 -9.38 -12.17
N GLY A 403 -4.09 -10.61 -11.92
CA GLY A 403 -3.10 -11.30 -12.77
C GLY A 403 -1.69 -11.13 -12.29
N GLN A 404 -1.42 -11.51 -11.04
CA GLN A 404 -0.06 -11.42 -10.53
C GLN A 404 0.27 -12.65 -9.71
N GLY A 405 1.54 -12.74 -9.37
CA GLY A 405 2.07 -13.77 -8.48
C GLY A 405 3.20 -13.21 -7.65
N VAL A 406 3.38 -13.79 -6.47
CA VAL A 406 4.61 -13.53 -5.65
C VAL A 406 5.16 -14.87 -5.22
N ALA A 407 6.45 -14.89 -4.98
CA ALA A 407 7.15 -16.09 -4.47
C ALA A 407 8.31 -15.64 -3.62
N LEU A 408 8.64 -16.38 -2.57
CA LEU A 408 9.80 -16.09 -1.72
C LEU A 408 10.36 -17.43 -1.24
N THR A 409 11.67 -17.53 -1.17
CA THR A 409 12.38 -18.77 -0.76
C THR A 409 12.95 -18.58 0.65
N LEU A 410 12.89 -19.63 1.47
CA LEU A 410 13.59 -19.70 2.76
C LEU A 410 14.71 -20.77 2.70
N ALA A 411 15.88 -20.45 3.25
CA ALA A 411 16.98 -21.40 3.48
C ALA A 411 17.22 -21.56 4.98
N ARG A 412 17.52 -22.78 5.42
CA ARG A 412 18.12 -23.09 6.73
C ARG A 412 19.45 -23.87 6.50
N ASP A 413 20.50 -23.61 7.28
CA ASP A 413 21.75 -24.44 7.34
C ASP A 413 21.50 -25.94 7.62
N MET B 21 25.68 -2.60 -6.18
CA MET B 21 24.50 -1.70 -5.96
C MET B 21 24.42 -0.65 -7.08
N GLN B 22 23.22 -0.21 -7.45
CA GLN B 22 23.02 0.67 -8.64
C GLN B 22 22.71 2.06 -8.13
N ASP B 23 23.08 3.08 -8.89
CA ASP B 23 22.66 4.47 -8.64
C ASP B 23 21.28 4.66 -9.29
N VAL B 24 20.40 5.48 -8.69
CA VAL B 24 19.01 5.61 -9.18
C VAL B 24 18.83 7.00 -9.77
N VAL B 25 18.33 7.04 -11.00
CA VAL B 25 18.09 8.29 -11.77
C VAL B 25 16.64 8.40 -12.20
N ILE B 26 16.26 9.62 -12.52
CA ILE B 26 14.91 9.95 -13.04
C ILE B 26 15.13 10.33 -14.49
N VAL B 27 14.45 9.68 -15.41
CA VAL B 27 14.60 10.03 -16.86
C VAL B 27 13.34 10.71 -17.39
N ALA B 28 12.26 10.73 -16.61
CA ALA B 28 11.00 11.38 -17.03
C ALA B 28 10.17 11.64 -15.77
N ALA B 29 9.42 12.72 -15.78
CA ALA B 29 8.69 13.22 -14.60
C ALA B 29 7.53 14.06 -15.12
N THR B 30 6.33 13.73 -14.68
CA THR B 30 5.13 14.46 -15.16
C THR B 30 3.98 14.36 -14.14
N ARG B 31 3.03 15.28 -14.24
CA ARG B 31 1.84 15.28 -13.37
C ARG B 31 0.64 15.77 -14.16
N THR B 32 -0.55 15.45 -13.72
CA THR B 32 -1.77 16.17 -14.18
C THR B 32 -1.72 17.55 -13.57
N ALA B 33 -2.42 18.50 -14.17
CA ALA B 33 -2.84 19.70 -13.43
C ALA B 33 -3.66 19.21 -12.24
N VAL B 34 -3.73 20.00 -11.19
CA VAL B 34 -4.46 19.55 -9.97
C VAL B 34 -5.88 20.12 -10.00
N GLY B 35 -6.88 19.24 -9.93
CA GLY B 35 -8.31 19.60 -9.95
C GLY B 35 -8.78 19.97 -8.57
N SER B 36 -9.75 20.90 -8.53
CA SER B 36 -10.41 21.31 -7.28
C SER B 36 -11.48 20.26 -6.96
N PHE B 37 -12.02 20.31 -5.75
CA PHE B 37 -13.02 19.36 -5.27
C PHE B 37 -14.32 19.54 -6.08
N GLN B 38 -14.76 18.50 -6.77
CA GLN B 38 -15.89 18.49 -7.72
C GLN B 38 -15.58 19.45 -8.86
N GLY B 39 -14.30 19.60 -9.18
CA GLY B 39 -13.82 20.38 -10.31
C GLY B 39 -13.64 19.57 -11.59
N SER B 40 -12.61 19.91 -12.34
CA SER B 40 -12.45 19.43 -13.74
C SER B 40 -12.18 17.93 -13.81
N LEU B 41 -11.58 17.32 -12.78
CA LEU B 41 -11.21 15.87 -12.78
C LEU B 41 -12.20 15.05 -11.97
N ALA B 42 -13.29 15.67 -11.55
CA ALA B 42 -14.21 15.07 -10.57
C ALA B 42 -14.89 13.81 -11.11
N GLY B 43 -14.93 13.61 -12.44
CA GLY B 43 -15.54 12.43 -13.04
C GLY B 43 -14.53 11.35 -13.43
N ILE B 44 -13.26 11.50 -13.09
CA ILE B 44 -12.20 10.62 -13.66
C ILE B 44 -11.52 9.83 -12.54
N PRO B 45 -11.79 8.53 -12.45
CA PRO B 45 -11.27 7.72 -11.36
C PRO B 45 -9.73 7.80 -11.28
N ALA B 46 -9.22 7.69 -10.05
CA ALA B 46 -7.80 7.89 -9.75
C ALA B 46 -6.93 7.07 -10.70
N PRO B 47 -7.19 5.79 -10.97
CA PRO B 47 -6.31 4.99 -11.84
C PRO B 47 -6.27 5.45 -13.29
N GLU B 48 -7.33 6.15 -13.75
CA GLU B 48 -7.29 6.75 -15.11
C GLU B 48 -6.38 7.97 -15.07
N LEU B 49 -6.31 8.72 -13.97
CA LEU B 49 -5.31 9.83 -13.88
C LEU B 49 -3.88 9.25 -13.88
N GLY B 50 -3.64 8.21 -13.09
CA GLY B 50 -2.37 7.46 -13.11
C GLY B 50 -2.03 6.95 -14.50
N ALA B 51 -3.01 6.40 -15.23
CA ALA B 51 -2.72 5.82 -16.55
C ALA B 51 -2.21 6.91 -17.48
N ALA B 52 -2.84 8.10 -17.39
CA ALA B 52 -2.49 9.22 -18.30
C ALA B 52 -1.04 9.66 -18.03
N VAL B 53 -0.59 9.66 -16.76
CA VAL B 53 0.79 10.12 -16.53
C VAL B 53 1.77 9.00 -16.92
N ILE B 54 1.44 7.73 -16.71
CA ILE B 54 2.30 6.61 -17.18
C ILE B 54 2.49 6.70 -18.70
N ARG B 55 1.41 6.85 -19.45
CA ARG B 55 1.53 6.97 -20.92
C ARG B 55 2.49 8.09 -21.27
N ARG B 56 2.37 9.26 -20.64
CA ARG B 56 3.22 10.41 -20.99
C ARG B 56 4.68 10.06 -20.73
N LEU B 57 5.02 9.45 -19.60
CA LEU B 57 6.45 9.11 -19.31
C LEU B 57 7.01 8.26 -20.44
N LEU B 58 6.26 7.29 -20.91
CA LEU B 58 6.73 6.39 -22.01
C LEU B 58 6.83 7.20 -23.33
N GLU B 59 5.86 8.07 -23.61
CA GLU B 59 5.95 8.96 -24.80
C GLU B 59 7.21 9.85 -24.74
N GLN B 60 7.51 10.40 -23.59
CA GLN B 60 8.61 11.39 -23.44
C GLN B 60 9.95 10.69 -23.66
N THR B 61 10.05 9.40 -23.34
CA THR B 61 11.32 8.66 -23.44
C THR B 61 11.35 7.76 -24.69
N GLY B 62 10.22 7.52 -25.37
CA GLY B 62 10.13 6.54 -26.46
C GLY B 62 10.38 5.13 -25.95
N LEU B 63 10.09 4.87 -24.67
CA LEU B 63 10.39 3.56 -24.06
C LEU B 63 9.30 2.56 -24.44
N ASP B 64 9.70 1.38 -24.92
CA ASP B 64 8.78 0.24 -25.04
C ASP B 64 8.20 -0.12 -23.67
N ALA B 65 6.88 -0.27 -23.61
CA ALA B 65 6.11 -0.53 -22.38
C ALA B 65 6.63 -1.80 -21.69
N GLY B 66 7.14 -2.76 -22.46
CA GLY B 66 7.69 -4.04 -21.98
C GLY B 66 8.96 -3.85 -21.17
N GLN B 67 9.60 -2.68 -21.22
CA GLN B 67 10.87 -2.44 -20.48
C GLN B 67 10.55 -2.06 -19.02
N VAL B 68 9.31 -1.76 -18.67
CA VAL B 68 8.97 -1.39 -17.26
C VAL B 68 9.03 -2.66 -16.42
N ASP B 69 9.71 -2.65 -15.28
CA ASP B 69 9.81 -3.82 -14.38
C ASP B 69 8.69 -3.83 -13.36
N GLU B 70 8.22 -2.66 -12.93
CA GLU B 70 7.18 -2.55 -11.88
C GLU B 70 6.53 -1.17 -11.95
N VAL B 71 5.28 -1.14 -11.48
CA VAL B 71 4.52 0.10 -11.20
C VAL B 71 4.18 0.14 -9.70
N ILE B 72 4.61 1.22 -9.04
CA ILE B 72 4.42 1.45 -7.59
C ILE B 72 3.68 2.78 -7.47
N LEU B 73 2.40 2.74 -7.08
CA LEU B 73 1.60 3.99 -7.00
C LEU B 73 0.94 4.12 -5.64
N GLY B 74 1.09 5.29 -5.05
CA GLY B 74 0.32 5.65 -3.87
C GLY B 74 -1.13 6.01 -4.21
N GLN B 75 -2.03 5.59 -3.35
CA GLN B 75 -3.44 6.04 -3.37
C GLN B 75 -3.98 5.75 -1.99
N VAL B 76 -4.58 6.75 -1.36
CA VAL B 76 -5.04 6.57 0.02
C VAL B 76 -6.49 6.10 0.05
N LEU B 77 -7.33 6.72 -0.78
CA LEU B 77 -8.80 6.55 -0.68
C LEU B 77 -9.24 5.51 -1.71
N THR B 78 -9.36 4.24 -1.29
CA THR B 78 -9.53 3.10 -2.20
C THR B 78 -10.86 2.38 -1.96
N ALA B 79 -11.80 2.96 -1.21
CA ALA B 79 -13.08 2.29 -0.91
C ALA B 79 -13.84 2.17 -2.24
N GLY B 80 -14.19 0.94 -2.63
CA GLY B 80 -14.91 0.69 -3.88
C GLY B 80 -14.11 0.97 -5.14
N SER B 81 -12.79 1.18 -5.03
CA SER B 81 -11.91 1.43 -6.20
C SER B 81 -11.66 0.17 -7.05
N GLY B 82 -12.01 -1.02 -6.57
CA GLY B 82 -11.71 -2.28 -7.26
C GLY B 82 -10.32 -2.80 -6.87
N GLN B 83 -10.01 -3.99 -7.32
CA GLN B 83 -8.72 -4.64 -6.94
C GLN B 83 -7.54 -3.76 -7.41
N ASN B 84 -6.63 -3.46 -6.49
CA ASN B 84 -5.25 -2.95 -6.73
C ASN B 84 -5.28 -1.77 -7.72
N PRO B 85 -5.61 -0.55 -7.23
CA PRO B 85 -5.61 0.65 -8.06
C PRO B 85 -4.36 0.84 -8.92
N ALA B 86 -3.15 0.55 -8.41
CA ALA B 86 -1.90 0.68 -9.20
C ALA B 86 -1.94 -0.25 -10.44
N ARG B 87 -2.41 -1.50 -10.30
CA ARG B 87 -2.56 -2.43 -11.43
C ARG B 87 -3.57 -1.89 -12.47
N GLN B 88 -4.67 -1.32 -12.01
CA GLN B 88 -5.66 -0.67 -12.90
C GLN B 88 -4.97 0.44 -13.70
N ALA B 89 -4.15 1.30 -13.08
CA ALA B 89 -3.46 2.38 -13.80
C ALA B 89 -2.49 1.80 -14.84
N ALA B 90 -1.73 0.78 -14.46
CA ALA B 90 -0.72 0.16 -15.35
C ALA B 90 -1.41 -0.46 -16.58
N ILE B 91 -2.47 -1.22 -16.37
CA ILE B 91 -3.19 -1.91 -17.49
C ILE B 91 -3.84 -0.84 -18.39
N LYS B 92 -4.48 0.15 -17.77
CA LYS B 92 -5.17 1.21 -18.53
C LYS B 92 -4.19 2.05 -19.33
N ALA B 93 -2.94 2.18 -18.88
CA ALA B 93 -1.86 2.88 -19.59
C ALA B 93 -1.35 2.08 -20.80
N GLY B 94 -1.77 0.82 -20.93
CA GLY B 94 -1.30 -0.04 -22.02
C GLY B 94 -0.02 -0.80 -21.67
N LEU B 95 0.34 -0.91 -20.40
CA LEU B 95 1.55 -1.72 -20.04
C LEU B 95 1.13 -3.17 -20.16
N PRO B 96 2.01 -4.09 -20.60
CA PRO B 96 1.63 -5.49 -20.76
C PRO B 96 1.26 -6.13 -19.40
N VAL B 97 0.51 -7.24 -19.44
CA VAL B 97 0.02 -7.92 -18.22
C VAL B 97 1.22 -8.43 -17.41
N GLY B 98 2.39 -8.58 -18.05
CA GLY B 98 3.61 -9.09 -17.42
C GLY B 98 4.24 -8.09 -16.46
N VAL B 99 3.82 -6.83 -16.46
CA VAL B 99 4.42 -5.83 -15.53
C VAL B 99 3.69 -5.90 -14.20
N PRO B 100 4.37 -6.23 -13.09
CA PRO B 100 3.71 -6.27 -11.79
C PRO B 100 3.45 -4.85 -11.27
N ALA B 101 2.45 -4.72 -10.41
CA ALA B 101 2.08 -3.41 -9.83
C ALA B 101 1.60 -3.61 -8.41
N MET B 102 1.88 -2.63 -7.58
CA MET B 102 1.33 -2.59 -6.21
C MET B 102 0.89 -1.17 -5.84
N THR B 103 -0.08 -1.08 -4.95
CA THR B 103 -0.58 0.19 -4.40
C THR B 103 -0.01 0.35 -3.00
N LEU B 104 0.31 1.56 -2.61
CA LEU B 104 0.70 1.77 -1.20
C LEU B 104 -0.03 2.95 -0.60
N ASN B 105 -0.06 2.92 0.72
CA ASN B 105 -0.67 3.95 1.57
C ASN B 105 0.27 4.28 2.72
N LYS B 106 0.95 5.44 2.62
CA LYS B 106 1.66 6.16 3.71
C LYS B 106 0.93 7.53 3.79
N VAL B 107 -0.41 7.54 3.62
CA VAL B 107 -1.31 8.73 3.66
C VAL B 107 -0.67 9.82 2.81
N CYS B 108 -0.44 11.00 3.37
CA CYS B 108 0.03 12.19 2.63
C CYS B 108 1.40 11.95 2.00
N GLY B 109 2.16 10.99 2.49
CA GLY B 109 3.50 10.74 1.93
C GLY B 109 3.53 9.66 0.87
N SER B 110 2.38 9.03 0.55
CA SER B 110 2.31 7.85 -0.35
C SER B 110 3.06 8.10 -1.65
N GLY B 111 2.81 9.23 -2.31
CA GLY B 111 3.34 9.50 -3.65
C GLY B 111 4.87 9.70 -3.67
N LEU B 112 5.48 10.07 -2.54
CA LEU B 112 6.94 10.18 -2.45
C LEU B 112 7.55 8.84 -1.98
N LYS B 113 6.92 8.18 -1.02
CA LYS B 113 7.36 6.86 -0.54
C LYS B 113 7.38 5.86 -1.70
N ALA B 114 6.52 6.00 -2.70
CA ALA B 114 6.54 5.16 -3.90
C ALA B 114 7.92 5.27 -4.53
N LEU B 115 8.50 6.47 -4.60
CA LEU B 115 9.83 6.63 -5.24
C LEU B 115 10.88 5.98 -4.32
N HIS B 116 10.72 6.03 -3.02
CA HIS B 116 11.65 5.37 -2.09
C HIS B 116 11.67 3.85 -2.38
N LEU B 117 10.50 3.22 -2.52
CA LEU B 117 10.39 1.75 -2.78
C LEU B 117 10.98 1.46 -4.15
N GLY B 118 10.72 2.30 -5.15
CA GLY B 118 11.31 2.06 -6.47
C GLY B 118 12.82 2.17 -6.46
N ALA B 119 13.34 3.15 -5.73
CA ALA B 119 14.80 3.38 -5.59
C ALA B 119 15.39 2.13 -4.93
N GLN B 120 14.75 1.61 -3.88
CA GLN B 120 15.27 0.42 -3.17
C GLN B 120 15.36 -0.78 -4.12
N ALA B 121 14.32 -1.01 -4.92
CA ALA B 121 14.29 -2.16 -5.84
C ALA B 121 15.40 -2.00 -6.88
N ILE B 122 15.63 -0.79 -7.34
CA ILE B 122 16.70 -0.55 -8.32
C ILE B 122 18.08 -0.65 -7.65
N ARG B 123 18.27 -0.08 -6.47
CA ARG B 123 19.59 -0.09 -5.78
C ARG B 123 20.06 -1.53 -5.62
N CYS B 124 19.19 -2.46 -5.23
CA CYS B 124 19.65 -3.83 -4.92
C CYS B 124 19.50 -4.78 -6.13
N GLY B 125 19.18 -4.25 -7.31
CA GLY B 125 19.19 -5.03 -8.57
C GLY B 125 17.93 -5.84 -8.79
N ASP B 126 16.84 -5.60 -8.06
CA ASP B 126 15.58 -6.33 -8.31
C ASP B 126 14.91 -5.84 -9.60
N ALA B 127 15.21 -4.63 -10.04
CA ALA B 127 14.57 -3.98 -11.19
C ALA B 127 15.57 -3.01 -11.80
N GLU B 128 15.37 -2.67 -13.07
CA GLU B 128 16.15 -1.61 -13.75
C GLU B 128 15.26 -0.42 -14.12
N VAL B 129 13.96 -0.63 -14.26
CA VAL B 129 13.02 0.45 -14.69
C VAL B 129 11.76 0.37 -13.84
N ILE B 130 11.39 1.47 -13.18
CA ILE B 130 10.18 1.51 -12.34
C ILE B 130 9.41 2.80 -12.59
N VAL B 131 8.11 2.65 -12.73
CA VAL B 131 7.17 3.80 -12.67
C VAL B 131 6.74 3.96 -11.21
N ALA B 132 6.96 5.14 -10.64
CA ALA B 132 6.62 5.42 -9.24
C ALA B 132 5.93 6.78 -9.16
N GLY B 133 4.93 6.85 -8.32
CA GLY B 133 4.23 8.09 -8.00
C GLY B 133 2.99 7.83 -7.20
N GLY B 134 1.96 8.64 -7.45
CA GLY B 134 0.68 8.49 -6.75
C GLY B 134 -0.47 9.12 -7.55
N GLN B 135 -1.67 8.84 -7.07
CA GLN B 135 -2.93 9.20 -7.76
C GLN B 135 -3.98 9.32 -6.66
N GLU B 136 -4.88 10.30 -6.79
CA GLU B 136 -5.99 10.44 -5.85
C GLU B 136 -7.14 11.19 -6.51
N ASN B 137 -8.34 10.69 -6.32
CA ASN B 137 -9.56 11.43 -6.69
C ASN B 137 -10.39 11.60 -5.43
N MET B 138 -10.22 12.73 -4.76
CA MET B 138 -10.93 12.94 -3.50
C MET B 138 -12.41 13.21 -3.80
N SER B 139 -12.71 13.84 -4.93
CA SER B 139 -14.09 14.13 -5.39
C SER B 139 -14.91 12.83 -5.42
N LEU B 140 -14.29 11.72 -5.83
CA LEU B 140 -14.95 10.41 -6.02
C LEU B 140 -14.84 9.51 -4.79
N ALA B 141 -14.15 9.92 -3.74
CA ALA B 141 -14.12 9.09 -2.51
C ALA B 141 -15.55 8.91 -2.01
N PRO B 142 -16.02 7.66 -1.79
CA PRO B 142 -17.42 7.44 -1.42
C PRO B 142 -17.71 7.50 0.08
N TYR B 143 -19.01 7.52 0.36
CA TYR B 143 -19.57 7.27 1.69
C TYR B 143 -19.54 5.76 1.90
N VAL B 144 -19.42 5.40 3.17
CA VAL B 144 -19.24 4.02 3.66
C VAL B 144 -20.26 3.77 4.75
N MET B 145 -20.83 2.55 4.83
CA MET B 145 -21.90 2.28 5.82
C MET B 145 -21.47 1.11 6.70
N PRO B 146 -20.63 1.37 7.74
CA PRO B 146 -20.31 0.32 8.68
C PRO B 146 -21.55 -0.24 9.37
N GLY B 147 -21.51 -1.52 9.70
CA GLY B 147 -22.56 -2.18 10.48
C GLY B 147 -23.72 -2.66 9.63
N ALA B 148 -23.91 -2.17 8.40
CA ALA B 148 -25.05 -2.63 7.55
C ALA B 148 -24.83 -4.11 7.22
N ARG B 149 -23.59 -4.58 7.15
CA ARG B 149 -23.34 -6.01 6.80
C ARG B 149 -23.98 -6.92 7.87
N THR B 150 -23.79 -6.63 9.14
CA THR B 150 -24.17 -7.53 10.25
C THR B 150 -25.46 -7.06 10.91
N GLY B 151 -25.84 -5.81 10.70
CA GLY B 151 -27.13 -5.33 11.23
C GLY B 151 -26.93 -4.12 12.14
N LEU B 152 -27.57 -3.00 11.80
CA LEU B 152 -27.57 -1.77 12.65
C LEU B 152 -28.50 -1.92 13.87
N ARG B 153 -29.45 -2.85 13.82
CA ARG B 153 -30.39 -3.28 14.90
C ARG B 153 -31.41 -2.17 15.18
N MET B 154 -30.97 -1.04 15.73
CA MET B 154 -31.85 0.13 15.98
C MET B 154 -31.01 1.33 16.36
N GLY B 155 -31.56 2.53 16.16
CA GLY B 155 -30.83 3.76 16.46
C GLY B 155 -30.27 4.35 15.20
N HIS B 156 -30.19 5.66 15.13
CA HIS B 156 -29.58 6.36 13.96
C HIS B 156 -28.12 5.96 13.86
N ALA B 157 -27.61 5.80 12.65
CA ALA B 157 -26.22 5.32 12.43
C ALA B 157 -25.44 6.37 11.66
N LYS B 158 -24.13 6.19 11.64
CA LYS B 158 -23.21 7.15 10.99
C LYS B 158 -22.87 6.64 9.59
N LEU B 159 -23.22 7.40 8.57
CA LEU B 159 -22.77 7.19 7.19
C LEU B 159 -21.45 7.95 7.08
N VAL B 160 -20.36 7.20 6.94
CA VAL B 160 -18.98 7.72 7.07
C VAL B 160 -18.48 8.29 5.73
N ASP B 161 -18.01 9.53 5.78
CA ASP B 161 -17.28 10.16 4.67
C ASP B 161 -15.88 9.50 4.64
N SER B 162 -15.62 8.62 3.67
CA SER B 162 -14.34 7.85 3.63
C SER B 162 -13.18 8.83 3.43
N MET B 163 -13.40 9.93 2.73
CA MET B 163 -12.32 10.93 2.51
C MET B 163 -11.87 11.47 3.87
N ILE B 164 -12.81 11.84 4.72
CA ILE B 164 -12.49 12.37 6.06
C ILE B 164 -11.88 11.21 6.88
N GLU B 165 -12.59 10.10 7.01
CA GLU B 165 -12.19 9.04 7.93
C GLU B 165 -10.80 8.48 7.54
N ASP B 166 -10.57 8.21 6.26
CA ASP B 166 -9.36 7.47 5.80
C ASP B 166 -8.26 8.44 5.42
N GLY B 167 -8.60 9.70 5.16
CA GLY B 167 -7.63 10.66 4.59
C GLY B 167 -7.28 11.79 5.55
N LEU B 168 -8.23 12.23 6.40
CA LEU B 168 -8.08 13.55 7.05
C LEU B 168 -8.26 13.51 8.57
N TRP B 169 -8.47 12.35 9.15
CA TRP B 169 -8.83 12.20 10.56
C TRP B 169 -7.76 11.40 11.26
N ASP B 170 -7.35 11.84 12.44
CA ASP B 170 -6.29 11.11 13.19
C ASP B 170 -6.91 9.87 13.85
N ALA B 171 -6.35 8.70 13.62
CA ALA B 171 -6.87 7.43 14.15
C ALA B 171 -6.65 7.30 15.67
N PHE B 172 -5.75 8.05 16.27
CA PHE B 172 -5.36 7.88 17.70
C PHE B 172 -6.06 8.93 18.56
N ASN B 173 -6.15 10.19 18.09
CA ASN B 173 -6.66 11.31 18.93
C ASN B 173 -8.12 11.65 18.57
N ASP B 174 -8.67 11.07 17.51
CA ASP B 174 -10.08 11.24 17.12
C ASP B 174 -10.36 12.74 16.87
N TYR B 175 -9.54 13.39 16.06
CA TYR B 175 -9.76 14.77 15.59
C TYR B 175 -9.12 14.92 14.22
N HIS B 176 -9.47 16.01 13.56
CA HIS B 176 -9.02 16.33 12.19
C HIS B 176 -7.53 16.67 12.17
N MET B 177 -6.89 16.43 11.03
CA MET B 177 -5.54 16.97 10.74
C MET B 177 -5.49 18.45 11.14
N GLY B 178 -6.58 19.21 10.96
CA GLY B 178 -6.54 20.65 11.28
C GLY B 178 -6.26 20.89 12.75
N ILE B 179 -6.67 20.02 13.65
CA ILE B 179 -6.34 20.17 15.10
C ILE B 179 -4.84 19.97 15.32
N THR B 180 -4.20 19.07 14.56
CA THR B 180 -2.75 18.89 14.65
C THR B 180 -2.07 20.20 14.28
N ALA B 181 -2.65 20.94 13.34
CA ALA B 181 -2.15 22.26 12.91
C ALA B 181 -2.35 23.30 14.03
N GLU B 182 -3.52 23.32 14.66
CA GLU B 182 -3.75 24.15 15.88
C GLU B 182 -2.69 23.83 16.91
N ASN B 183 -2.35 22.55 17.11
CA ASN B 183 -1.36 22.18 18.13
C ASN B 183 -0.03 22.83 17.83
N LEU B 184 0.39 22.87 16.56
CA LEU B 184 1.68 23.47 16.16
C LEU B 184 1.57 25.00 16.27
N ALA B 185 0.43 25.62 15.98
CA ALA B 185 0.26 27.08 16.10
C ALA B 185 0.46 27.45 17.58
N GLU B 186 -0.07 26.64 18.47
CA GLU B 186 0.12 26.86 19.93
C GLU B 186 1.61 26.68 20.26
N LYS B 187 2.20 25.55 19.93
CA LYS B 187 3.57 25.22 20.37
C LYS B 187 4.52 26.33 19.92
N TYR B 188 4.40 26.83 18.69
CA TYR B 188 5.35 27.83 18.15
C TYR B 188 4.84 29.27 18.29
N GLY B 189 3.72 29.51 19.00
CA GLY B 189 3.13 30.87 19.14
C GLY B 189 2.92 31.52 17.78
N LEU B 190 2.41 30.76 16.81
CA LEU B 190 2.20 31.32 15.45
C LEU B 190 0.85 32.03 15.43
N THR B 191 0.79 33.28 15.02
CA THR B 191 -0.49 34.04 15.03
C THR B 191 -1.34 33.72 13.79
N ARG B 192 -2.65 33.98 13.89
CA ARG B 192 -3.57 34.03 12.72
C ARG B 192 -2.92 34.84 11.60
N GLU B 193 -2.38 36.03 11.90
CA GLU B 193 -1.86 36.93 10.85
C GLU B 193 -0.64 36.28 10.17
N GLU B 194 0.26 35.64 10.92
CA GLU B 194 1.44 34.98 10.30
C GLU B 194 0.94 33.86 9.36
N GLN B 195 -0.06 33.10 9.79
CA GLN B 195 -0.59 31.96 9.00
C GLN B 195 -1.26 32.48 7.72
N ASP B 196 -2.02 33.57 7.84
CA ASP B 196 -2.68 34.17 6.66
C ASP B 196 -1.62 34.73 5.69
N ALA B 197 -0.55 35.33 6.20
CA ALA B 197 0.50 35.93 5.34
C ALA B 197 1.15 34.81 4.53
N PHE B 198 1.42 33.67 5.18
CA PHE B 198 2.03 32.51 4.50
C PHE B 198 1.08 32.02 3.38
N ALA B 199 -0.20 31.90 3.69
CA ALA B 199 -1.25 31.46 2.74
C ALA B 199 -1.31 32.40 1.53
N ALA B 200 -1.31 33.71 1.76
CA ALA B 200 -1.39 34.71 0.66
C ALA B 200 -0.16 34.63 -0.25
N ALA B 201 1.02 34.45 0.34
CA ALA B 201 2.27 34.36 -0.44
C ALA B 201 2.26 33.09 -1.29
N SER B 202 1.70 32.00 -0.77
CA SER B 202 1.59 30.71 -1.53
C SER B 202 0.69 30.93 -2.76
N GLN B 203 -0.45 31.57 -2.56
CA GLN B 203 -1.39 31.93 -3.65
C GLN B 203 -0.67 32.80 -4.69
N GLN B 204 0.02 33.85 -4.24
CA GLN B 204 0.67 34.83 -5.15
C GLN B 204 1.72 34.08 -5.96
N LYS B 205 2.54 33.25 -5.31
CA LYS B 205 3.62 32.51 -6.01
C LYS B 205 3.04 31.52 -7.02
N ALA B 206 1.97 30.81 -6.70
CA ALA B 206 1.32 29.81 -7.59
C ALA B 206 0.76 30.53 -8.83
N ILE B 207 0.02 31.63 -8.62
CA ILE B 207 -0.53 32.39 -9.80
C ILE B 207 0.61 32.91 -10.67
N ALA B 208 1.69 33.46 -10.09
CA ALA B 208 2.84 33.93 -10.89
C ALA B 208 3.47 32.78 -11.67
N ALA B 209 3.62 31.61 -11.06
CA ALA B 209 4.22 30.44 -11.73
C ALA B 209 3.31 29.98 -12.86
N ILE B 210 2.01 29.92 -12.64
CA ILE B 210 1.06 29.49 -13.70
C ILE B 210 1.14 30.48 -14.87
N GLU B 211 1.01 31.79 -14.59
CA GLU B 211 0.99 32.85 -15.64
C GLU B 211 2.35 32.91 -16.31
N GLY B 212 3.44 32.64 -15.59
CA GLY B 212 4.79 32.67 -16.19
C GLY B 212 5.14 31.42 -16.96
N GLY B 213 4.22 30.46 -17.12
CA GLY B 213 4.46 29.19 -17.84
C GLY B 213 5.40 28.22 -17.11
N ARG B 214 5.60 28.36 -15.79
CA ARG B 214 6.59 27.50 -15.06
C ARG B 214 6.04 26.08 -14.86
N PHE B 215 4.76 25.84 -15.10
CA PHE B 215 4.19 24.48 -14.95
C PHE B 215 3.93 23.80 -16.31
N ARG B 216 4.19 24.46 -17.44
CA ARG B 216 3.83 23.86 -18.75
C ARG B 216 4.62 22.58 -19.00
N ASP B 217 5.90 22.55 -18.70
CA ASP B 217 6.71 21.37 -19.08
C ASP B 217 6.27 20.16 -18.25
N GLU B 218 5.87 20.37 -17.00
CA GLU B 218 5.64 19.27 -16.02
C GLU B 218 4.22 18.71 -16.14
N ILE B 219 3.30 19.41 -16.82
CA ILE B 219 1.88 19.00 -16.83
C ILE B 219 1.55 18.20 -18.10
N THR B 220 0.89 17.08 -17.90
CA THR B 220 0.21 16.23 -18.92
C THR B 220 -1.26 16.64 -18.92
N PRO B 221 -1.80 17.18 -20.03
CA PRO B 221 -3.23 17.51 -20.10
C PRO B 221 -4.09 16.26 -19.99
N ILE B 222 -5.27 16.40 -19.40
CA ILE B 222 -6.28 15.30 -19.38
C ILE B 222 -7.41 15.76 -20.30
N GLN B 223 -7.82 14.89 -21.22
CA GLN B 223 -8.98 15.12 -22.11
C GLN B 223 -10.22 14.73 -21.30
N VAL B 224 -10.98 15.69 -20.81
CA VAL B 224 -12.09 15.44 -19.87
C VAL B 224 -13.38 15.29 -20.69
N PRO B 225 -14.00 14.09 -20.68
CA PRO B 225 -15.31 13.89 -21.32
C PRO B 225 -16.35 14.88 -20.81
N GLN B 226 -17.12 15.46 -21.72
CA GLN B 226 -18.17 16.49 -21.44
C GLN B 226 -19.55 15.81 -21.43
N ARG B 227 -20.57 16.46 -20.86
CA ARG B 227 -21.99 16.07 -21.02
C ARG B 227 -22.32 16.02 -22.52
N LYS B 228 -22.04 17.12 -23.25
CA LYS B 228 -22.19 17.22 -24.73
C LYS B 228 -20.92 17.80 -25.36
N GLY B 229 -20.53 17.30 -26.53
CA GLY B 229 -19.41 17.81 -27.35
C GLY B 229 -18.21 16.89 -27.26
N GLU B 230 -17.07 17.30 -27.81
CA GLU B 230 -15.78 16.55 -27.70
C GLU B 230 -15.15 16.85 -26.34
N PRO B 231 -14.23 15.99 -25.84
CA PRO B 231 -13.52 16.25 -24.58
C PRO B 231 -12.89 17.64 -24.56
N LEU B 232 -12.81 18.29 -23.39
CA LEU B 232 -12.06 19.56 -23.17
C LEU B 232 -10.76 19.21 -22.43
N GLY B 233 -9.65 19.78 -22.90
CA GLY B 233 -8.32 19.68 -22.29
C GLY B 233 -8.29 20.36 -20.93
N PHE B 234 -7.87 19.65 -19.90
CA PHE B 234 -7.58 20.26 -18.59
C PHE B 234 -6.06 20.25 -18.41
N ASP B 235 -5.43 21.41 -18.44
CA ASP B 235 -3.96 21.53 -18.37
C ASP B 235 -3.44 22.62 -17.44
N THR B 236 -4.30 23.26 -16.66
CA THR B 236 -3.96 24.44 -15.82
C THR B 236 -4.49 24.21 -14.40
N ASP B 237 -3.59 24.16 -13.43
CA ASP B 237 -3.93 24.07 -11.99
C ASP B 237 -5.10 25.04 -11.68
N GLU B 238 -6.15 24.55 -11.05
CA GLU B 238 -7.40 25.34 -10.91
C GLU B 238 -7.69 25.68 -9.45
N GLN B 239 -6.88 25.22 -8.50
CA GLN B 239 -7.14 25.52 -7.06
C GLN B 239 -6.77 26.97 -6.74
N PRO B 240 -5.70 27.61 -7.27
CA PRO B 240 -5.33 28.95 -6.81
C PRO B 240 -6.45 30.01 -6.93
N ARG B 241 -6.49 30.93 -5.98
CA ARG B 241 -7.59 31.92 -5.85
C ARG B 241 -6.94 33.29 -6.03
N ALA B 242 -7.25 33.96 -7.13
CA ALA B 242 -6.82 35.36 -7.38
C ALA B 242 -7.36 36.22 -6.24
N GLY B 243 -6.65 37.27 -5.84
CA GLY B 243 -7.22 38.25 -4.91
C GLY B 243 -7.18 37.72 -3.50
N THR B 244 -6.32 36.73 -3.26
CA THR B 244 -6.11 36.30 -1.87
C THR B 244 -5.17 37.32 -1.20
N THR B 245 -5.66 37.88 -0.12
CA THR B 245 -4.89 38.82 0.70
C THR B 245 -5.08 38.43 2.15
N VAL B 246 -4.19 38.90 2.99
CA VAL B 246 -4.33 38.76 4.47
C VAL B 246 -5.65 39.42 4.89
N GLU B 247 -6.11 40.45 4.18
CA GLU B 247 -7.34 41.19 4.56
C GLU B 247 -8.55 40.31 4.28
N ALA B 248 -8.64 39.68 3.10
CA ALA B 248 -9.75 38.74 2.82
C ALA B 248 -9.66 37.54 3.80
N LEU B 249 -8.45 37.03 4.01
CA LEU B 249 -8.24 35.79 4.79
C LEU B 249 -8.62 36.07 6.24
N ALA B 250 -8.42 37.30 6.73
CA ALA B 250 -8.75 37.72 8.10
C ALA B 250 -10.25 37.57 8.39
N LYS B 251 -11.10 37.58 7.38
CA LYS B 251 -12.58 37.52 7.58
C LYS B 251 -13.03 36.08 7.82
N LEU B 252 -12.23 35.07 7.50
CA LEU B 252 -12.70 33.65 7.55
C LEU B 252 -12.87 33.23 9.00
N LYS B 253 -13.79 32.31 9.25
CA LYS B 253 -13.99 31.73 10.60
C LYS B 253 -13.00 30.59 10.76
N PRO B 254 -12.57 30.31 11.98
CA PRO B 254 -11.72 29.14 12.24
C PRO B 254 -12.47 27.89 11.81
N ALA B 255 -11.79 26.97 11.13
CA ALA B 255 -12.47 25.80 10.52
C ALA B 255 -12.53 24.62 11.51
N PHE B 256 -11.73 24.55 12.58
CA PHE B 256 -11.58 23.27 13.34
C PHE B 256 -11.84 23.45 14.82
N ARG B 257 -11.60 24.63 15.37
CA ARG B 257 -11.72 24.94 16.82
C ARG B 257 -12.26 26.37 16.99
N LYS B 258 -13.16 26.55 17.95
CA LYS B 258 -13.88 27.83 18.19
C LYS B 258 -12.91 29.02 18.20
N ASP B 259 -11.88 29.02 19.03
CA ASP B 259 -11.04 30.25 19.10
C ASP B 259 -9.70 29.96 18.39
N GLY B 260 -9.77 29.16 17.34
CA GLY B 260 -8.60 28.67 16.61
C GLY B 260 -8.06 29.67 15.61
N SER B 261 -6.94 29.34 14.99
CA SER B 261 -6.32 30.22 14.00
C SER B 261 -6.31 29.56 12.63
N VAL B 262 -6.60 28.26 12.54
CA VAL B 262 -6.56 27.54 11.24
C VAL B 262 -7.91 27.71 10.58
N THR B 263 -7.90 28.12 9.33
CA THR B 263 -9.13 28.29 8.52
C THR B 263 -9.04 27.51 7.21
N ALA B 264 -10.14 27.44 6.48
CA ALA B 264 -10.17 26.89 5.10
C ALA B 264 -9.20 27.68 4.21
N GLY B 265 -8.95 28.95 4.47
CA GLY B 265 -8.05 29.76 3.62
C GLY B 265 -6.56 29.62 3.95
N ASN B 266 -6.17 29.12 5.12
CA ASN B 266 -4.72 28.96 5.42
C ASN B 266 -4.43 27.46 5.59
N ALA B 267 -5.38 26.62 5.21
CA ALA B 267 -5.24 25.14 5.11
C ALA B 267 -5.17 24.73 3.65
N SER B 268 -4.57 23.58 3.38
CA SER B 268 -4.64 22.94 2.05
C SER B 268 -6.10 22.58 1.75
N SER B 269 -6.42 22.37 0.49
CA SER B 269 -7.81 22.09 0.05
C SER B 269 -7.94 20.59 -0.25
N LEU B 270 -9.09 20.20 -0.78
CA LEU B 270 -9.40 18.84 -1.25
C LEU B 270 -9.27 18.80 -2.76
N ASN B 271 -8.57 17.79 -3.31
CA ASN B 271 -8.14 17.88 -4.72
C ASN B 271 -7.98 16.51 -5.37
N ASP B 272 -7.94 16.56 -6.71
CA ASP B 272 -7.83 15.39 -7.61
C ASP B 272 -6.58 15.56 -8.46
N GLY B 273 -5.83 14.48 -8.67
CA GLY B 273 -4.66 14.55 -9.55
C GLY B 273 -3.79 13.30 -9.48
N ALA B 274 -2.82 13.22 -10.38
CA ALA B 274 -1.83 12.14 -10.36
C ALA B 274 -0.47 12.68 -10.73
N ALA B 275 0.58 11.97 -10.33
CA ALA B 275 1.96 12.39 -10.69
C ALA B 275 2.88 11.18 -10.66
N ALA B 276 3.81 11.07 -11.60
CA ALA B 276 4.68 9.87 -11.60
C ALA B 276 6.02 10.22 -12.25
N VAL B 277 7.03 9.40 -11.90
CA VAL B 277 8.38 9.49 -12.53
C VAL B 277 8.76 8.11 -13.05
N LEU B 278 9.67 8.13 -14.00
CA LEU B 278 10.28 6.92 -14.57
C LEU B 278 11.67 6.86 -13.96
N LEU B 279 11.83 5.92 -13.05
CA LEU B 279 13.12 5.63 -12.38
C LEU B 279 13.86 4.58 -13.18
N MET B 280 15.18 4.72 -13.25
CA MET B 280 16.03 3.65 -13.81
C MET B 280 17.32 3.53 -13.00
N SER B 281 18.04 2.44 -13.14
CA SER B 281 19.47 2.42 -12.76
C SER B 281 20.16 3.40 -13.70
N ALA B 282 21.23 4.05 -13.23
CA ALA B 282 22.07 4.90 -14.09
C ALA B 282 22.58 4.05 -15.25
N ALA B 283 22.94 2.80 -14.97
CA ALA B 283 23.43 1.86 -16.02
C ALA B 283 22.37 1.65 -17.10
N LYS B 284 21.11 1.48 -16.73
CA LYS B 284 20.04 1.21 -17.71
C LYS B 284 19.77 2.46 -18.54
N ALA B 285 19.65 3.63 -17.89
CA ALA B 285 19.49 4.91 -18.60
C ALA B 285 20.61 5.04 -19.64
N LYS B 286 21.86 4.79 -19.24
CA LYS B 286 22.98 4.96 -20.21
C LYS B 286 22.79 3.96 -21.37
N ALA B 287 22.47 2.69 -21.09
CA ALA B 287 22.33 1.66 -22.14
C ALA B 287 21.21 2.07 -23.10
N LEU B 288 20.16 2.73 -22.64
CA LEU B 288 19.05 3.18 -23.51
C LEU B 288 19.38 4.50 -24.18
N GLY B 289 20.47 5.17 -23.78
CA GLY B 289 20.83 6.49 -24.32
C GLY B 289 19.86 7.57 -23.89
N LEU B 290 19.24 7.45 -22.70
CA LEU B 290 18.29 8.49 -22.18
C LEU B 290 19.02 9.50 -21.33
N PRO B 291 18.77 10.80 -21.56
CA PRO B 291 19.29 11.85 -20.69
C PRO B 291 18.69 11.70 -19.28
N VAL B 292 19.50 11.97 -18.27
CA VAL B 292 19.09 11.93 -16.85
C VAL B 292 18.63 13.32 -16.45
N LEU B 293 17.43 13.43 -15.91
CA LEU B 293 16.92 14.70 -15.39
C LEU B 293 17.52 14.99 -14.01
N ALA B 294 17.65 13.99 -13.12
CA ALA B 294 18.29 14.18 -11.81
C ALA B 294 18.62 12.79 -11.26
N ARG B 295 19.57 12.70 -10.35
CA ARG B 295 19.77 11.47 -9.58
C ARG B 295 19.09 11.62 -8.23
N ILE B 296 18.66 10.50 -7.67
CA ILE B 296 18.18 10.45 -6.27
C ILE B 296 19.39 10.29 -5.34
N ALA B 297 19.68 11.30 -4.53
CA ALA B 297 20.89 11.29 -3.64
C ALA B 297 20.55 10.51 -2.37
N SER B 298 19.34 10.65 -1.84
CA SER B 298 18.90 9.97 -0.59
C SER B 298 17.38 10.06 -0.42
N TYR B 299 16.88 9.32 0.55
CA TYR B 299 15.45 9.30 0.92
C TYR B 299 15.41 8.85 2.36
N ALA B 300 14.34 9.18 3.07
CA ALA B 300 14.15 8.79 4.48
C ALA B 300 12.70 8.95 4.88
N SER B 301 12.32 8.18 5.89
CA SER B 301 11.06 8.32 6.64
C SER B 301 11.39 8.68 8.08
N ALA B 302 10.43 9.20 8.80
CA ALA B 302 10.50 9.45 10.25
C ALA B 302 9.11 9.33 10.85
N GLY B 303 9.09 9.11 12.15
CA GLY B 303 7.86 9.12 12.93
C GLY B 303 7.92 10.18 13.99
N VAL B 304 6.77 10.79 14.28
CA VAL B 304 6.59 11.77 15.37
C VAL B 304 5.25 11.52 16.05
N ASP B 305 4.96 12.27 17.12
CA ASP B 305 3.65 12.17 17.80
C ASP B 305 2.54 12.56 16.80
N PRO B 306 1.49 11.73 16.65
CA PRO B 306 0.38 12.04 15.76
C PRO B 306 -0.23 13.42 16.04
N ALA B 307 -0.23 13.86 17.30
CA ALA B 307 -0.84 15.15 17.73
C ALA B 307 -0.12 16.32 17.04
N ILE B 308 1.15 16.15 16.62
CA ILE B 308 1.94 17.21 15.93
C ILE B 308 2.52 16.64 14.64
N MET B 309 1.69 15.94 13.87
CA MET B 309 2.17 15.20 12.69
C MET B 309 2.83 16.19 11.73
N GLY B 310 2.37 17.46 11.70
CA GLY B 310 2.88 18.45 10.75
C GLY B 310 4.38 18.68 10.86
N ILE B 311 5.02 18.28 11.96
CA ILE B 311 6.49 18.45 12.21
C ILE B 311 7.28 17.26 11.65
N GLY B 312 6.60 16.23 11.13
CA GLY B 312 7.27 15.05 10.55
C GLY B 312 8.42 15.41 9.61
N PRO B 313 8.30 16.44 8.73
CA PRO B 313 9.39 16.77 7.81
C PRO B 313 10.77 17.12 8.41
N VAL B 314 10.79 17.58 9.66
CA VAL B 314 12.03 18.02 10.34
C VAL B 314 12.96 16.79 10.43
N SER B 315 12.60 15.74 11.15
CA SER B 315 13.46 14.56 11.29
C SER B 315 13.63 13.86 9.94
N ALA B 316 12.60 13.78 9.10
CA ALA B 316 12.74 13.13 7.79
C ALA B 316 13.78 13.87 6.95
N THR B 317 13.75 15.18 6.96
CA THR B 317 14.74 16.02 6.21
C THR B 317 16.13 15.79 6.80
N ARG B 318 16.26 15.81 8.11
CA ARG B 318 17.61 15.68 8.70
C ARG B 318 18.20 14.31 8.36
N ARG B 319 17.36 13.26 8.35
CA ARG B 319 17.83 11.90 8.03
C ARG B 319 18.23 11.85 6.56
N ALA B 320 17.43 12.42 5.66
CA ALA B 320 17.76 12.40 4.23
C ALA B 320 19.05 13.22 4.00
N LEU B 321 19.19 14.38 4.64
CA LEU B 321 20.44 15.20 4.45
C LEU B 321 21.66 14.40 4.96
N ASP B 322 21.49 13.76 6.10
CA ASP B 322 22.57 12.94 6.73
C ASP B 322 22.94 11.80 5.75
N LYS B 323 21.97 11.10 5.19
CA LYS B 323 22.21 9.97 4.25
C LYS B 323 22.91 10.52 3.01
N ALA B 324 22.64 11.75 2.54
CA ALA B 324 23.29 12.30 1.33
C ALA B 324 24.66 12.93 1.69
N GLY B 325 24.93 13.16 2.95
CA GLY B 325 26.12 13.91 3.40
C GLY B 325 25.99 15.39 3.09
N TRP B 326 24.77 15.96 3.11
CA TRP B 326 24.53 17.39 2.81
C TRP B 326 24.18 18.16 4.08
N SER B 327 24.40 19.46 4.06
CA SER B 327 23.83 20.36 5.09
C SER B 327 22.65 21.10 4.46
N LEU B 328 21.71 21.56 5.27
CA LEU B 328 20.49 22.24 4.76
C LEU B 328 20.87 23.41 3.85
N GLU B 329 21.87 24.20 4.22
CA GLU B 329 22.23 25.42 3.44
C GLU B 329 22.72 25.09 2.02
N GLN B 330 23.12 23.84 1.74
CA GLN B 330 23.49 23.45 0.37
C GLN B 330 22.27 23.26 -0.56
N LEU B 331 21.06 23.16 -0.01
CA LEU B 331 19.84 22.99 -0.84
C LEU B 331 19.59 24.28 -1.60
N ASP B 332 19.52 24.24 -2.93
CA ASP B 332 19.11 25.36 -3.80
C ASP B 332 17.59 25.57 -3.74
N LEU B 333 16.84 24.48 -3.61
CA LEU B 333 15.37 24.50 -3.73
C LEU B 333 14.78 23.47 -2.79
N ILE B 334 13.65 23.82 -2.20
CA ILE B 334 12.93 22.95 -1.25
C ILE B 334 11.45 22.95 -1.65
N GLU B 335 10.86 21.76 -1.74
CA GLU B 335 9.39 21.62 -1.83
C GLU B 335 8.95 20.99 -0.52
N ALA B 336 8.28 21.74 0.33
CA ALA B 336 7.82 21.25 1.63
C ALA B 336 6.30 21.33 1.57
N ASN B 337 5.62 20.20 1.45
CA ASN B 337 4.18 20.22 1.15
C ASN B 337 3.43 21.04 2.23
N GLU B 338 2.52 21.92 1.80
CA GLU B 338 1.81 22.84 2.71
C GLU B 338 0.50 22.19 3.15
N ALA B 339 0.52 21.32 4.13
CA ALA B 339 -0.73 20.78 4.70
C ALA B 339 -1.53 21.94 5.29
N PHE B 340 -0.89 22.79 6.07
CA PHE B 340 -1.53 23.96 6.74
C PHE B 340 -0.43 25.01 6.90
N ALA B 341 -0.78 26.31 6.81
CA ALA B 341 0.22 27.38 7.04
C ALA B 341 0.91 27.15 8.40
N ALA B 342 0.16 26.82 9.46
CA ALA B 342 0.78 26.63 10.77
C ALA B 342 1.84 25.54 10.72
N GLN B 343 1.50 24.42 10.08
CA GLN B 343 2.38 23.25 9.93
C GLN B 343 3.66 23.67 9.21
N SER B 344 3.54 24.37 8.08
CA SER B 344 4.68 24.81 7.24
C SER B 344 5.58 25.76 8.04
N LEU B 345 4.99 26.73 8.74
CA LEU B 345 5.76 27.76 9.48
C LEU B 345 6.48 27.07 10.65
N ALA B 346 5.85 26.05 11.26
CA ALA B 346 6.46 25.28 12.35
C ALA B 346 7.68 24.53 11.82
N VAL B 347 7.57 23.84 10.68
CA VAL B 347 8.72 23.14 10.06
C VAL B 347 9.84 24.17 9.81
N GLY B 348 9.50 25.35 9.31
CA GLY B 348 10.51 26.36 8.96
C GLY B 348 11.19 26.91 10.22
N ARG B 349 10.45 27.03 11.31
CA ARG B 349 11.02 27.45 12.62
C ARG B 349 12.06 26.42 13.08
N GLU B 350 11.74 25.13 12.98
CA GLU B 350 12.62 24.07 13.48
C GLU B 350 13.84 23.97 12.59
N LEU B 351 13.67 23.95 11.27
CA LEU B 351 14.83 23.76 10.35
C LEU B 351 15.63 25.07 10.17
N GLY B 352 15.04 26.26 10.33
CA GLY B 352 15.70 27.56 10.06
C GLY B 352 16.07 27.70 8.60
N TRP B 353 15.25 27.16 7.70
CA TRP B 353 15.55 27.23 6.26
C TRP B 353 15.34 28.66 5.78
N ASP B 354 15.89 29.00 4.64
CA ASP B 354 15.63 30.26 3.91
C ASP B 354 14.28 30.10 3.19
N ALA B 355 13.23 30.74 3.66
CA ALA B 355 11.86 30.64 3.09
C ALA B 355 11.83 31.05 1.62
N ALA B 356 12.79 31.83 1.14
CA ALA B 356 12.83 32.29 -0.26
C ALA B 356 13.17 31.11 -1.20
N ARG B 357 13.70 30.00 -0.68
CA ARG B 357 14.04 28.79 -1.47
C ARG B 357 12.94 27.73 -1.38
N VAL B 358 11.88 27.97 -0.61
CA VAL B 358 10.82 26.98 -0.32
C VAL B 358 9.58 27.28 -1.17
N ASN B 359 9.09 26.29 -1.89
CA ASN B 359 7.82 26.34 -2.64
C ASN B 359 7.84 27.59 -3.52
N VAL B 360 8.85 27.74 -4.34
CA VAL B 360 9.09 29.03 -5.07
C VAL B 360 7.99 29.25 -6.11
N ASN B 361 7.34 28.19 -6.59
CA ASN B 361 6.20 28.23 -7.52
C ASN B 361 4.85 28.08 -6.78
N GLY B 362 4.82 28.30 -5.48
CA GLY B 362 3.59 28.14 -4.69
C GLY B 362 3.54 26.74 -4.11
N GLY B 363 2.66 26.53 -3.12
CA GLY B 363 2.49 25.22 -2.46
C GLY B 363 1.05 24.81 -2.39
N ALA B 364 0.77 23.77 -1.61
CA ALA B 364 -0.54 23.08 -1.58
C ALA B 364 -1.67 24.01 -1.11
N ILE B 365 -1.39 25.05 -0.31
CA ILE B 365 -2.53 25.97 0.08
C ILE B 365 -3.17 26.53 -1.21
N ALA B 366 -2.37 26.89 -2.20
CA ALA B 366 -2.80 27.44 -3.50
C ALA B 366 -3.09 26.30 -4.50
N LEU B 367 -2.22 25.27 -4.57
CA LEU B 367 -2.26 24.29 -5.69
C LEU B 367 -3.10 23.06 -5.35
N GLY B 368 -3.31 22.78 -4.07
CA GLY B 368 -4.11 21.63 -3.59
C GLY B 368 -3.25 20.50 -3.05
N HIS B 369 -3.90 19.60 -2.36
CA HIS B 369 -3.31 18.40 -1.70
C HIS B 369 -4.13 17.16 -2.06
N PRO B 370 -3.98 16.65 -3.31
CA PRO B 370 -4.57 15.36 -3.69
C PRO B 370 -3.77 14.20 -3.03
N ILE B 371 -4.21 13.83 -1.84
CA ILE B 371 -3.38 13.19 -0.76
C ILE B 371 -2.31 12.25 -1.33
N GLY B 372 -2.73 11.17 -1.97
CA GLY B 372 -1.86 10.06 -2.38
C GLY B 372 -0.94 10.45 -3.51
N ALA B 373 -1.25 11.52 -4.25
CA ALA B 373 -0.41 12.00 -5.35
C ALA B 373 0.56 13.10 -4.88
N SER B 374 0.21 13.86 -3.83
CA SER B 374 0.94 15.11 -3.48
C SER B 374 2.45 14.85 -3.35
N GLY B 375 2.84 13.70 -2.79
CA GLY B 375 4.26 13.38 -2.60
C GLY B 375 5.01 13.39 -3.92
N CYS B 376 4.40 12.91 -4.98
CA CYS B 376 5.05 12.92 -6.31
C CYS B 376 4.77 14.27 -6.99
N ARG B 377 3.63 14.90 -6.73
CA ARG B 377 3.32 16.19 -7.36
C ARG B 377 4.43 17.21 -6.97
N VAL B 378 4.77 17.30 -5.68
CA VAL B 378 5.79 18.28 -5.22
C VAL B 378 7.18 17.88 -5.75
N LEU B 379 7.45 16.60 -5.92
CA LEU B 379 8.74 16.12 -6.48
C LEU B 379 8.86 16.54 -7.95
N VAL B 380 7.79 16.40 -8.71
CA VAL B 380 7.77 16.78 -10.14
C VAL B 380 7.98 18.29 -10.22
N THR B 381 7.31 19.07 -9.37
CA THR B 381 7.46 20.57 -9.34
C THR B 381 8.93 20.90 -9.00
N LEU B 382 9.51 20.23 -8.01
CA LEU B 382 10.91 20.46 -7.58
C LEU B 382 11.83 20.24 -8.78
N LEU B 383 11.69 19.09 -9.43
CA LEU B 383 12.61 18.70 -10.51
C LEU B 383 12.55 19.72 -11.64
N HIS B 384 11.35 20.10 -12.08
CA HIS B 384 11.26 21.01 -13.24
C HIS B 384 11.88 22.38 -12.85
N GLU B 385 11.64 22.87 -11.64
CA GLU B 385 12.18 24.18 -11.24
C GLU B 385 13.71 24.07 -11.06
N MET B 386 14.21 22.91 -10.65
CA MET B 386 15.69 22.69 -10.54
C MET B 386 16.31 22.79 -11.95
N ILE B 387 15.70 22.16 -12.96
CA ILE B 387 16.19 22.23 -14.35
C ILE B 387 16.14 23.71 -14.80
N ARG B 388 15.03 24.41 -14.54
CA ARG B 388 14.87 25.81 -15.02
C ARG B 388 15.99 26.71 -14.47
N ARG B 389 16.29 26.58 -13.19
CA ARG B 389 17.23 27.47 -12.45
C ARG B 389 18.67 26.93 -12.51
N ASP B 390 18.88 25.76 -13.12
CA ASP B 390 20.15 24.99 -13.06
C ASP B 390 20.57 24.81 -11.59
N ALA B 391 19.63 24.45 -10.72
CA ALA B 391 19.89 24.07 -9.32
C ALA B 391 20.60 22.71 -9.27
N LYS B 392 21.50 22.54 -8.30
CA LYS B 392 22.32 21.31 -8.17
C LYS B 392 21.76 20.37 -7.10
N LYS B 393 21.06 20.89 -6.09
CA LYS B 393 20.60 20.09 -4.93
C LYS B 393 19.20 20.56 -4.57
N GLY B 394 18.27 19.61 -4.41
CA GLY B 394 16.90 19.91 -3.99
C GLY B 394 16.38 18.86 -3.06
N LEU B 395 15.37 19.25 -2.30
CA LEU B 395 14.68 18.44 -1.28
C LEU B 395 13.18 18.53 -1.50
N ALA B 396 12.53 17.37 -1.45
CA ALA B 396 11.05 17.24 -1.34
C ALA B 396 10.75 16.61 0.00
N THR B 397 9.85 17.19 0.76
CA THR B 397 9.46 16.62 2.07
C THR B 397 7.98 16.88 2.34
N LEU B 398 7.34 15.96 3.06
CA LEU B 398 5.91 16.05 3.42
C LEU B 398 5.69 15.55 4.83
N CYS B 399 4.80 16.22 5.56
CA CYS B 399 4.20 15.67 6.76
C CYS B 399 3.12 14.65 6.36
N ILE B 400 2.78 13.80 7.32
CA ILE B 400 1.92 12.60 7.10
C ILE B 400 1.00 12.43 8.29
N GLY B 401 -0.30 12.37 8.03
CA GLY B 401 -1.27 12.09 9.06
C GLY B 401 -0.96 10.77 9.74
N GLY B 402 -1.10 10.78 11.06
CA GLY B 402 -0.70 9.69 11.95
C GLY B 402 0.69 9.93 12.56
N GLY B 403 1.37 11.02 12.19
CA GLY B 403 2.67 11.38 12.76
C GLY B 403 3.84 10.78 12.02
N GLN B 404 3.99 11.07 10.75
CA GLN B 404 5.19 10.63 10.03
C GLN B 404 5.70 11.74 9.13
N GLY B 405 6.85 11.47 8.51
CA GLY B 405 7.38 12.34 7.46
C GLY B 405 8.12 11.52 6.45
N VAL B 406 8.25 12.06 5.24
CA VAL B 406 9.17 11.53 4.20
C VAL B 406 9.97 12.69 3.66
N ALA B 407 11.15 12.38 3.14
CA ALA B 407 12.04 13.34 2.48
C ALA B 407 12.86 12.60 1.43
N LEU B 408 13.14 13.28 0.34
CA LEU B 408 13.91 12.72 -0.76
C LEU B 408 14.74 13.85 -1.35
N THR B 409 15.98 13.55 -1.70
CA THR B 409 16.86 14.57 -2.27
C THR B 409 17.12 14.28 -3.73
N LEU B 410 17.28 15.35 -4.51
CA LEU B 410 17.66 15.24 -5.94
C LEU B 410 18.96 16.00 -6.18
N ALA B 411 19.79 15.44 -7.07
CA ALA B 411 21.03 16.12 -7.48
C ALA B 411 21.06 16.21 -9.01
N ARG B 412 21.71 17.28 -9.48
CA ARG B 412 22.11 17.51 -10.88
C ARG B 412 23.59 17.93 -10.89
N ASP B 413 24.36 17.55 -11.90
CA ASP B 413 25.80 17.95 -12.07
C ASP B 413 26.04 19.49 -12.18
C1 GOL C . 13.34 1.56 5.83
O1 GOL C . 13.22 2.00 4.47
C2 GOL C . 13.59 2.73 6.75
O2 GOL C . 14.07 2.27 8.02
C3 GOL C . 12.34 3.56 7.02
O3 GOL C . 12.62 4.63 7.93
C1 PGE D . -16.93 -15.10 -2.85
O1 PGE D . -16.70 -16.24 -1.99
C2 PGE D . -18.00 -14.17 -2.37
O2 PGE D . -18.58 -13.34 -3.40
C3 PGE D . -19.77 -13.89 -4.03
C4 PGE D . -20.63 -12.81 -4.70
O3 PGE D . -20.15 -12.34 -5.99
C1 GOL E . 20.23 6.05 -5.21
O1 GOL E . 20.68 6.92 -6.22
C2 GOL E . 21.38 5.68 -4.30
O2 GOL E . 22.65 6.00 -4.88
C3 GOL E . 21.15 6.36 -2.98
O3 GOL E . 19.74 6.32 -2.72
C1 GOL F . 10.95 -4.97 -8.37
O1 GOL F . 10.93 -5.42 -6.99
C2 GOL F . 10.72 -6.13 -9.30
O2 GOL F . 11.21 -5.84 -10.62
C3 GOL F . 9.26 -6.53 -9.34
O3 GOL F . 9.07 -7.77 -10.01
C9 2PE G . -5.76 -1.98 -22.29
O10 2PE G . -6.03 -0.68 -22.80
C11 2PE G . -4.87 0.11 -23.12
C12 2PE G . -4.44 -0.11 -24.55
O13 2PE G . -3.44 0.84 -24.96
C14 2PE G . -2.35 0.26 -25.70
C15 2PE G . -1.14 1.18 -25.67
O16 2PE G . 0.12 0.51 -25.77
C17 2PE G . 1.14 0.97 -24.87
C18 2PE G . 1.78 2.26 -25.36
O19 2PE G . 2.19 3.09 -24.26
C20 2PE G . 2.44 4.45 -24.64
C21 2PE G . 3.92 4.71 -24.79
O22 2PE G . 4.26 5.29 -26.05
C23 2PE G . 5.65 5.18 -26.41
C24 2PE G . 6.03 3.75 -26.59
O25 2PE G . 6.85 3.63 -27.74
C1 PGE H . -10.31 22.88 4.92
O1 PGE H . -11.60 23.18 5.44
C2 PGE H . -9.78 21.56 5.41
O2 PGE H . -9.99 20.57 4.40
C3 PGE H . -11.28 19.97 4.47
C4 PGE H . -11.32 18.86 5.52
O4 PGE H . -13.87 19.89 7.25
C6 PGE H . -14.15 18.49 7.34
C5 PGE H . -13.04 17.64 6.72
O3 PGE H . -12.58 18.17 5.48
#